data_8JE5
#
_entry.id   8JE5
#
_cell.length_a   81.129
_cell.length_b   114.473
_cell.length_c   120.463
_cell.angle_alpha   90.00
_cell.angle_beta   90.00
_cell.angle_gamma   90.00
#
_symmetry.space_group_name_H-M   'P 21 21 21'
#
loop_
_entity.id
_entity.type
_entity.pdbx_description
1 polymer 'PROLYL-TRNA SYNTHETASE'
2 non-polymer 7-bromo-6-chloro-3-{3-[(2R,3S)-3-hydroxypiperidin-2-yl]-2-oxopropyl}quinazolin-4(3H)-one
3 non-polymer 'ZINC ION'
4 non-polymer 'CHLORIDE ION'
5 non-polymer GLYCEROL
6 water water
#
_entity_poly.entity_id   1
_entity_poly.type   'polypeptide(L)'
_entity_poly.pdbx_seq_one_letter_code
;MTRLGLEATKEDNLPDWYSQVITKGEMIEYYDVSGCYILRHWSFAIWKAIRNWFDAEITRLGVKECYFPIFVSRAALERE
KTHIADFAPEVAWVTKSGDSELAEPIAVRPTSETVMYPAYAKWIQSYRDLPIRLNQWNNVVRWEFKHPQPFLRTREFLWQ
EGHTAFATQKEADEEVLTILDLYAKVYTDLLAIPVVKGRKTEKEKFAGGDYTTTVEAYISASGRAIQGATSHHLGQNFSR
MFDIVYEHPETKEKEYVFQNSWGITTRTIGVMIMVHADNQGLVLPPRVACIQVVIVPCGITATTTDDERRRLYESCRELE
QTFVKAGIRCEGDYRDNYSPGWKYNHWELKGVPVRIELGFKDLQNDQFVAVRRDNGAKQTIKRAQATVEMPKLLETIHTS
MYERAERDLQSHTKLTKQWAEFLQFLETKNIIMAPFCGEISCEDRIKAESARDDAEAEAGAPAMGAKSLCIPFEQPAKID
PKVDKCVHPACGRVAKFYTLFGRSY
;
_entity_poly.pdbx_strand_id   A,B
#
loop_
_chem_comp.id
_chem_comp.type
_chem_comp.name
_chem_comp.formula
CL non-polymer 'CHLORIDE ION' 'Cl -1'
GOL non-polymer GLYCEROL 'C3 H8 O3'
HFG non-polymer 7-bromo-6-chloro-3-{3-[(2R,3S)-3-hydroxypiperidin-2-yl]-2-oxopropyl}quinazolin-4(3H)-one 'C16 H17 Br Cl N3 O3'
ZN non-polymer 'ZINC ION' 'Zn 2'
#
# COMPACT_ATOMS: atom_id res chain seq x y z
N ARG A 3 16.61 -28.31 12.76
CA ARG A 3 17.63 -28.32 11.71
C ARG A 3 18.21 -26.94 11.44
N LEU A 4 17.65 -26.18 10.51
CA LEU A 4 18.23 -24.91 10.06
C LEU A 4 18.71 -24.03 11.22
N GLY A 5 19.88 -23.42 11.04
CA GLY A 5 20.45 -22.59 12.08
C GLY A 5 21.47 -21.61 11.55
N LEU A 6 21.72 -20.57 12.34
CA LEU A 6 22.70 -19.57 11.97
C LEU A 6 24.10 -20.16 12.01
N GLU A 7 24.88 -19.93 10.96
CA GLU A 7 26.23 -20.47 10.90
C GLU A 7 27.28 -19.44 11.27
N ALA A 8 26.96 -18.16 11.24
CA ALA A 8 27.89 -17.10 11.62
C ALA A 8 27.40 -16.41 12.90
N THR A 9 28.19 -15.42 13.34
CA THR A 9 27.94 -14.71 14.59
C THR A 9 28.08 -13.21 14.39
N LYS A 10 27.26 -12.48 15.15
CA LYS A 10 27.11 -11.05 14.97
C LYS A 10 28.44 -10.32 15.10
N GLU A 11 29.29 -10.77 16.02
CA GLU A 11 30.50 -10.03 16.37
C GLU A 11 31.69 -10.29 15.45
N ASP A 12 31.75 -11.46 14.83
CA ASP A 12 32.94 -11.80 14.05
C ASP A 12 32.73 -11.60 12.56
N ASN A 13 31.59 -12.02 12.03
CA ASN A 13 31.28 -11.81 10.62
C ASN A 13 29.86 -11.23 10.55
N LEU A 14 29.77 -9.92 10.68
CA LEU A 14 28.44 -9.29 10.71
C LEU A 14 27.69 -9.48 9.40
N PRO A 15 28.28 -9.28 8.22
CA PRO A 15 27.47 -9.40 6.99
C PRO A 15 26.94 -10.80 6.75
N ASP A 16 27.76 -11.83 6.95
CA ASP A 16 27.22 -13.16 6.73
C ASP A 16 26.25 -13.53 7.85
N TRP A 17 26.47 -13.00 9.05
CA TRP A 17 25.47 -13.18 10.08
C TRP A 17 24.13 -12.56 9.67
N TYR A 18 24.16 -11.35 9.10
CA TYR A 18 22.94 -10.62 8.69
C TYR A 18 22.22 -11.34 7.56
N SER A 19 22.99 -11.87 6.60
CA SER A 19 22.41 -12.61 5.48
C SER A 19 21.79 -13.93 5.95
N GLN A 20 22.42 -14.57 6.93
CA GLN A 20 21.86 -15.78 7.50
C GLN A 20 20.60 -15.50 8.31
N VAL A 21 20.52 -14.35 8.99
CA VAL A 21 19.31 -14.09 9.79
C VAL A 21 18.14 -13.63 8.92
N ILE A 22 18.41 -12.87 7.84
CA ILE A 22 17.28 -12.47 6.99
C ILE A 22 16.84 -13.61 6.07
N THR A 23 17.73 -14.55 5.73
CA THR A 23 17.27 -15.67 4.94
C THR A 23 16.72 -16.80 5.81
N LYS A 24 17.45 -17.23 6.82
CA LYS A 24 16.91 -18.33 7.60
C LYS A 24 15.75 -17.84 8.49
N GLY A 25 15.60 -16.52 8.68
CA GLY A 25 14.43 -15.92 9.27
C GLY A 25 13.31 -15.66 8.29
N GLU A 26 13.47 -16.19 7.10
CA GLU A 26 12.52 -16.13 6.05
C GLU A 26 12.03 -14.78 5.80
N MET A 27 12.93 -13.85 5.85
CA MET A 27 12.54 -12.51 5.66
C MET A 27 12.90 -11.91 4.34
N ILE A 28 13.76 -12.54 3.57
CA ILE A 28 14.25 -11.96 2.35
C ILE A 28 14.65 -13.05 1.39
N GLU A 29 14.40 -12.90 0.10
CA GLU A 29 14.98 -13.76 -0.92
C GLU A 29 15.74 -12.89 -1.92
N TYR A 30 16.91 -13.37 -2.33
CA TYR A 30 17.78 -12.61 -3.21
C TYR A 30 17.26 -12.62 -4.64
N TYR A 31 17.84 -11.76 -5.48
CA TYR A 31 17.18 -11.32 -6.70
C TYR A 31 18.19 -11.07 -7.80
N ASP A 32 17.80 -11.38 -9.04
CA ASP A 32 18.71 -11.29 -10.17
C ASP A 32 18.86 -9.87 -10.71
N VAL A 33 18.34 -8.89 -9.99
CA VAL A 33 18.61 -7.47 -10.25
C VAL A 33 19.31 -6.93 -9.02
N SER A 34 20.52 -6.40 -9.21
CA SER A 34 21.31 -6.02 -8.06
C SER A 34 20.70 -4.79 -7.36
N GLY A 35 20.89 -4.73 -6.04
CA GLY A 35 20.31 -3.69 -5.22
C GLY A 35 18.86 -3.88 -4.83
N CYS A 36 18.18 -4.90 -5.36
CA CYS A 36 16.75 -5.10 -5.17
C CYS A 36 16.52 -6.48 -4.55
N TYR A 37 15.56 -6.57 -3.64
CA TYR A 37 15.38 -7.73 -2.78
C TYR A 37 13.89 -8.01 -2.61
N ILE A 38 13.58 -9.29 -2.52
CA ILE A 38 12.21 -9.74 -2.31
C ILE A 38 11.89 -9.67 -0.83
N LEU A 39 10.89 -8.86 -0.46
CA LEU A 39 10.37 -8.89 0.91
C LEU A 39 9.34 -10.00 1.03
N ARG A 40 9.74 -11.11 1.63
CA ARG A 40 8.79 -12.18 1.86
C ARG A 40 7.84 -11.71 2.93
N HIS A 41 6.77 -12.49 3.13
CA HIS A 41 5.68 -11.97 3.95
C HIS A 41 6.11 -11.72 5.41
N TRP A 42 7.11 -12.46 5.93
CA TRP A 42 7.44 -12.31 7.34
C TRP A 42 8.02 -10.93 7.68
N SER A 43 8.74 -10.30 6.76
CA SER A 43 9.19 -8.93 7.01
C SER A 43 8.19 -7.89 6.51
N PHE A 44 7.46 -8.21 5.44
CA PHE A 44 6.47 -7.27 4.97
C PHE A 44 5.41 -7.01 6.01
N ALA A 45 5.12 -7.99 6.89
CA ALA A 45 4.18 -7.72 7.98
C ALA A 45 4.75 -6.68 8.95
N ILE A 46 6.08 -6.69 9.15
CA ILE A 46 6.72 -5.65 9.99
C ILE A 46 6.42 -4.28 9.39
N TRP A 47 6.73 -4.13 8.10
CA TRP A 47 6.44 -2.87 7.40
C TRP A 47 4.97 -2.54 7.45
N LYS A 48 4.11 -3.56 7.37
CA LYS A 48 2.69 -3.30 7.33
C LYS A 48 2.23 -2.71 8.66
N ALA A 49 2.77 -3.21 9.76
CA ALA A 49 2.42 -2.64 11.07
C ALA A 49 2.91 -1.21 11.20
N ILE A 50 4.17 -0.98 10.81
CA ILE A 50 4.71 0.38 10.87
C ILE A 50 3.85 1.32 10.03
N ARG A 51 3.61 0.94 8.77
CA ARG A 51 2.84 1.74 7.84
C ARG A 51 1.45 2.03 8.39
N ASN A 52 0.75 0.98 8.85
CA ASN A 52 -0.61 1.16 9.34
C ASN A 52 -0.65 2.10 10.56
N TRP A 53 0.29 1.92 11.50
CA TRP A 53 0.30 2.77 12.69
C TRP A 53 0.51 4.23 12.31
N PHE A 54 1.53 4.48 11.50
CA PHE A 54 1.85 5.86 11.16
C PHE A 54 0.75 6.49 10.31
N ASP A 55 0.15 5.72 9.40
CA ASP A 55 -0.92 6.28 8.60
C ASP A 55 -2.12 6.65 9.46
N ALA A 56 -2.49 5.79 10.41
CA ALA A 56 -3.60 6.14 11.28
C ALA A 56 -3.30 7.45 12.00
N GLU A 57 -2.07 7.61 12.49
CA GLU A 57 -1.67 8.84 13.14
C GLU A 57 -1.83 10.06 12.23
N ILE A 58 -1.25 10.01 11.02
CA ILE A 58 -1.28 11.23 10.20
C ILE A 58 -2.68 11.53 9.62
N THR A 59 -3.54 10.51 9.50
CA THR A 59 -4.89 10.88 9.08
C THR A 59 -5.67 11.44 10.27
N ARG A 60 -5.45 10.89 11.48
CA ARG A 60 -6.03 11.56 12.64
C ARG A 60 -5.55 13.00 12.70
N LEU A 61 -4.38 13.27 12.13
CA LEU A 61 -3.90 14.65 12.10
C LEU A 61 -4.57 15.49 11.04
N GLY A 62 -5.14 14.88 10.00
CA GLY A 62 -5.72 15.64 8.92
C GLY A 62 -4.93 15.63 7.63
N VAL A 63 -3.90 14.79 7.53
CA VAL A 63 -3.25 14.54 6.26
C VAL A 63 -4.13 13.59 5.45
N LYS A 64 -3.98 13.63 4.12
CA LYS A 64 -4.78 12.79 3.23
C LYS A 64 -3.89 11.98 2.26
N GLU A 65 -4.36 10.77 1.94
CA GLU A 65 -3.61 9.82 1.09
C GLU A 65 -3.91 10.02 -0.40
N CYS A 66 -2.87 10.05 -1.23
CA CYS A 66 -3.00 10.21 -2.67
C CYS A 66 -1.95 9.32 -3.36
N TYR A 67 -1.89 9.41 -4.70
CA TYR A 67 -0.89 8.66 -5.46
C TYR A 67 -0.55 9.35 -6.78
N PHE A 68 0.70 9.77 -6.93
CA PHE A 68 1.25 10.32 -8.15
C PHE A 68 1.96 9.24 -8.95
N PRO A 69 2.17 9.43 -10.26
CA PRO A 69 2.67 8.33 -11.08
C PRO A 69 4.12 8.00 -10.73
N ILE A 70 4.53 6.77 -11.10
CA ILE A 70 5.90 6.32 -10.89
C ILE A 70 6.88 6.97 -11.86
N PHE A 71 6.41 7.55 -12.95
CA PHE A 71 7.27 8.14 -13.97
C PHE A 71 7.22 9.64 -13.82
N VAL A 72 8.36 10.28 -14.09
CA VAL A 72 8.51 11.73 -14.01
C VAL A 72 9.15 12.25 -15.30
N SER A 73 8.65 13.37 -15.82
CA SER A 73 9.21 13.95 -17.02
C SER A 73 10.64 14.42 -16.81
N ARG A 74 11.43 14.41 -17.89
CA ARG A 74 12.72 15.06 -17.89
C ARG A 74 12.58 16.51 -17.46
N ALA A 75 11.52 17.17 -17.92
CA ALA A 75 11.30 18.59 -17.62
C ALA A 75 10.87 18.78 -16.17
N ALA A 76 9.91 17.97 -15.70
CA ALA A 76 9.55 18.04 -14.29
C ALA A 76 10.79 17.90 -13.43
N LEU A 77 11.69 17.00 -13.82
CA LEU A 77 12.90 16.71 -13.05
C LEU A 77 13.88 17.87 -13.11
N GLU A 78 14.31 18.24 -14.32
CA GLU A 78 15.38 19.20 -14.50
C GLU A 78 14.91 20.67 -14.48
N ARG A 79 13.66 20.93 -14.69
CA ARG A 79 13.20 22.26 -14.67
C ARG A 79 13.34 22.75 -13.28
N GLU A 80 13.94 23.92 -13.07
CA GLU A 80 14.10 24.52 -11.76
C GLU A 80 14.70 23.55 -10.84
N LYS A 81 15.87 23.06 -11.16
CA LYS A 81 16.44 22.00 -10.39
C LYS A 81 16.57 22.21 -8.90
N THR A 82 16.02 21.23 -8.19
CA THR A 82 16.01 21.18 -6.74
C THR A 82 17.39 21.07 -6.30
N HIS A 83 18.04 20.12 -6.93
CA HIS A 83 19.40 19.86 -6.67
C HIS A 83 19.98 19.31 -7.93
N ILE A 84 20.81 20.08 -8.65
CA ILE A 84 21.53 19.49 -9.74
C ILE A 84 22.49 18.57 -8.98
N ALA A 85 23.17 19.15 -7.99
CA ALA A 85 23.86 18.40 -6.98
C ALA A 85 24.77 17.34 -7.49
N ASP A 86 24.56 16.16 -6.99
CA ASP A 86 25.34 15.07 -7.37
C ASP A 86 24.33 14.00 -7.29
N PHE A 87 23.11 14.36 -7.60
CA PHE A 87 22.06 13.36 -7.63
C PHE A 87 21.74 12.87 -9.03
N ALA A 88 21.86 13.73 -10.03
CA ALA A 88 21.47 13.38 -11.39
C ALA A 88 22.05 12.05 -11.86
N PRO A 89 23.29 11.68 -11.51
CA PRO A 89 23.76 10.34 -11.85
C PRO A 89 22.91 9.21 -11.29
N GLU A 90 22.20 9.42 -10.19
CA GLU A 90 21.49 8.34 -9.52
C GLU A 90 20.06 8.17 -9.99
N VAL A 91 19.75 8.45 -11.25
CA VAL A 91 18.37 8.50 -11.71
C VAL A 91 18.13 7.42 -12.76
N ALA A 92 17.15 6.57 -12.51
CA ALA A 92 16.83 5.49 -13.42
C ALA A 92 16.00 6.04 -14.57
N TRP A 93 16.47 5.83 -15.80
CA TRP A 93 15.87 6.42 -16.98
C TRP A 93 15.32 5.33 -17.88
N VAL A 94 14.01 5.33 -18.03
CA VAL A 94 13.38 4.62 -19.13
C VAL A 94 13.70 5.35 -20.41
N THR A 95 14.07 4.60 -21.45
CA THR A 95 14.28 5.26 -22.73
C THR A 95 13.83 4.42 -23.90
N LYS A 96 13.15 3.29 -23.69
CA LYS A 96 12.64 2.55 -24.82
C LYS A 96 11.38 1.80 -24.40
N SER A 97 10.38 1.84 -25.29
CA SER A 97 9.17 1.03 -25.19
C SER A 97 9.37 -0.20 -26.09
N GLY A 98 9.58 -1.37 -25.49
CA GLY A 98 9.82 -2.55 -26.30
C GLY A 98 11.12 -2.41 -27.06
N ASP A 99 11.03 -2.13 -28.36
CA ASP A 99 12.18 -1.78 -29.17
C ASP A 99 12.12 -0.35 -29.68
N SER A 100 11.04 0.36 -29.41
CA SER A 100 10.90 1.75 -29.80
C SER A 100 11.48 2.65 -28.71
N GLU A 101 12.52 3.41 -29.05
CA GLU A 101 13.06 4.40 -28.13
C GLU A 101 12.12 5.61 -28.13
N LEU A 102 11.90 6.20 -26.97
CA LEU A 102 10.94 7.29 -26.90
C LEU A 102 11.63 8.64 -27.05
N ALA A 103 10.85 9.63 -27.50
CA ALA A 103 11.40 10.92 -27.89
C ALA A 103 12.10 11.58 -26.71
N GLU A 104 11.36 11.83 -25.65
CA GLU A 104 12.00 12.28 -24.43
C GLU A 104 11.97 11.13 -23.45
N PRO A 105 13.04 10.92 -22.68
CA PRO A 105 13.07 9.83 -21.70
C PRO A 105 12.43 10.22 -20.38
N ILE A 106 11.86 9.22 -19.71
CA ILE A 106 11.15 9.43 -18.46
C ILE A 106 11.86 8.70 -17.33
N ALA A 107 11.86 9.31 -16.15
CA ALA A 107 12.62 8.83 -15.01
C ALA A 107 11.72 8.16 -13.99
N VAL A 108 12.20 7.09 -13.39
CA VAL A 108 11.49 6.49 -12.26
C VAL A 108 11.77 7.32 -11.00
N ARG A 109 10.71 7.65 -10.27
CA ARG A 109 10.79 8.68 -9.22
C ARG A 109 11.80 8.32 -8.14
N PRO A 110 12.64 9.27 -7.73
CA PRO A 110 13.48 9.06 -6.54
C PRO A 110 12.88 9.70 -5.31
N THR A 111 11.84 10.52 -5.54
CA THR A 111 11.08 11.33 -4.60
C THR A 111 10.14 12.17 -5.45
N SER A 112 9.09 12.77 -4.88
CA SER A 112 8.05 13.34 -5.74
C SER A 112 7.92 14.87 -5.63
N GLU A 113 9.01 15.57 -5.31
CA GLU A 113 8.92 17.02 -5.17
C GLU A 113 8.57 17.67 -6.52
N THR A 114 9.32 17.32 -7.56
CA THR A 114 9.19 17.97 -8.86
C THR A 114 7.87 17.69 -9.54
N VAL A 115 7.06 16.77 -9.02
CA VAL A 115 5.76 16.48 -9.56
C VAL A 115 4.66 17.06 -8.68
N MET A 116 4.81 16.90 -7.36
CA MET A 116 3.77 17.37 -6.45
C MET A 116 3.80 18.87 -6.25
N TYR A 117 4.90 19.55 -6.60
CA TYR A 117 4.87 20.98 -6.30
C TYR A 117 4.17 21.76 -7.43
N PRO A 118 4.35 21.41 -8.70
CA PRO A 118 3.46 21.98 -9.73
C PRO A 118 1.98 21.72 -9.44
N ALA A 119 1.66 20.53 -8.94
CA ALA A 119 0.26 20.23 -8.60
C ALA A 119 -0.24 21.19 -7.53
N TYR A 120 0.58 21.47 -6.52
CA TYR A 120 0.17 22.43 -5.50
C TYR A 120 0.02 23.83 -6.09
N ALA A 121 0.87 24.18 -7.06
CA ALA A 121 0.73 25.50 -7.68
C ALA A 121 -0.60 25.61 -8.41
N LYS A 122 -1.07 24.53 -9.02
CA LYS A 122 -2.40 24.57 -9.61
C LYS A 122 -3.49 24.57 -8.56
N TRP A 123 -3.29 23.82 -7.50
CA TRP A 123 -4.41 23.54 -6.63
C TRP A 123 -4.64 24.66 -5.66
N ILE A 124 -3.69 25.58 -5.53
CA ILE A 124 -3.89 26.70 -4.65
C ILE A 124 -4.04 27.94 -5.47
N GLN A 125 -5.29 28.27 -5.78
CA GLN A 125 -5.64 29.50 -6.49
C GLN A 125 -6.15 30.59 -5.54
N SER A 126 -6.41 30.26 -4.27
CA SER A 126 -6.91 31.23 -3.30
C SER A 126 -6.44 30.86 -1.90
N TYR A 127 -6.58 31.82 -0.98
CA TYR A 127 -6.28 31.55 0.43
C TYR A 127 -7.12 30.41 0.97
N ARG A 128 -8.35 30.25 0.47
CA ARG A 128 -9.26 29.24 0.98
C ARG A 128 -8.73 27.82 0.80
N ASP A 129 -7.83 27.59 -0.15
CA ASP A 129 -7.40 26.24 -0.45
C ASP A 129 -6.33 25.73 0.52
N LEU A 130 -5.99 26.50 1.57
CA LEU A 130 -4.89 26.01 2.40
C LEU A 130 -5.40 25.55 3.77
N PRO A 131 -4.71 24.60 4.41
CA PRO A 131 -3.44 24.00 4.01
C PRO A 131 -3.63 22.79 3.14
N ILE A 132 -2.58 22.36 2.45
CA ILE A 132 -2.60 21.08 1.74
C ILE A 132 -1.66 20.11 2.44
N ARG A 133 -2.21 18.99 2.91
CA ARG A 133 -1.48 17.97 3.64
C ARG A 133 -1.74 16.65 2.95
N LEU A 134 -0.81 16.24 2.07
CA LEU A 134 -0.97 15.05 1.25
C LEU A 134 0.18 14.10 1.50
N ASN A 135 -0.12 12.80 1.51
CA ASN A 135 0.86 11.75 1.77
C ASN A 135 0.77 10.65 0.73
N GLN A 136 1.92 10.11 0.31
CA GLN A 136 1.89 8.90 -0.50
C GLN A 136 2.74 7.81 0.12
N TRP A 137 2.18 6.62 0.10
CA TRP A 137 2.87 5.39 0.38
C TRP A 137 3.29 4.83 -0.98
N ASN A 138 4.58 4.94 -1.30
CA ASN A 138 4.98 4.56 -2.63
C ASN A 138 6.39 3.99 -2.61
N ASN A 139 6.83 3.58 -3.79
CA ASN A 139 8.15 3.03 -4.02
C ASN A 139 8.97 4.02 -4.80
N VAL A 140 10.25 4.12 -4.46
CA VAL A 140 11.14 4.94 -5.26
C VAL A 140 12.40 4.13 -5.56
N VAL A 141 13.14 4.63 -6.55
CA VAL A 141 14.37 4.02 -6.99
C VAL A 141 15.45 5.08 -7.00
N ARG A 142 16.57 4.77 -6.35
CA ARG A 142 17.78 5.59 -6.43
C ARG A 142 18.93 4.65 -6.80
N TRP A 143 19.53 4.89 -7.97
CA TRP A 143 20.59 4.04 -8.50
C TRP A 143 21.90 4.40 -7.79
N GLU A 144 21.99 3.96 -6.55
CA GLU A 144 23.06 4.39 -5.65
C GLU A 144 24.33 3.57 -5.89
N PHE A 145 25.41 4.26 -6.28
CA PHE A 145 26.71 3.63 -6.49
C PHE A 145 27.41 3.41 -5.15
N LYS A 146 26.87 2.46 -4.38
CA LYS A 146 27.52 1.93 -3.19
C LYS A 146 27.32 0.42 -3.18
N HIS A 147 27.74 -0.23 -2.09
CA HIS A 147 27.59 -1.67 -1.96
C HIS A 147 26.27 -2.00 -1.28
N PRO A 148 25.35 -2.66 -1.95
CA PRO A 148 23.97 -2.77 -1.44
C PRO A 148 23.79 -3.83 -0.35
N GLN A 149 22.71 -3.64 0.42
CA GLN A 149 22.33 -4.52 1.52
C GLN A 149 20.84 -4.48 1.78
N PRO A 150 20.23 -5.64 2.12
CA PRO A 150 18.78 -5.82 2.10
C PRO A 150 17.85 -4.75 2.62
N PHE A 151 18.07 -4.14 3.77
CA PHE A 151 17.12 -3.09 4.11
C PHE A 151 17.77 -1.73 4.19
N LEU A 152 19.11 -1.65 4.19
CA LEU A 152 19.80 -0.44 4.56
C LEU A 152 20.26 0.40 3.39
N ARG A 153 20.80 -0.21 2.33
CA ARG A 153 21.12 0.48 1.08
C ARG A 153 20.56 -0.42 -0.03
N THR A 154 19.30 -0.14 -0.43
CA THR A 154 18.63 -0.81 -1.53
C THR A 154 18.29 0.20 -2.63
N ARG A 155 18.29 -0.27 -3.88
CA ARG A 155 18.06 0.67 -4.98
C ARG A 155 16.58 0.96 -5.17
N GLU A 156 15.71 -0.03 -5.07
CA GLU A 156 14.29 0.25 -4.92
C GLU A 156 13.89 -0.01 -3.48
N PHE A 157 13.10 0.91 -2.92
CA PHE A 157 12.56 0.69 -1.58
C PHE A 157 11.22 1.39 -1.45
N LEU A 158 10.48 0.94 -0.43
CA LEU A 158 9.20 1.53 -0.07
C LEU A 158 9.40 2.62 0.99
N TRP A 159 8.58 3.66 0.93
CA TRP A 159 8.53 4.64 2.00
C TRP A 159 7.17 5.28 1.97
N GLN A 160 7.02 6.33 2.74
CA GLN A 160 5.95 7.26 2.64
C GLN A 160 6.61 8.60 2.58
N GLU A 161 6.17 9.44 1.71
CA GLU A 161 6.56 10.83 1.58
C GLU A 161 5.33 11.72 1.79
N GLY A 162 5.42 12.62 2.76
CA GLY A 162 4.36 13.57 3.05
C GLY A 162 4.83 14.96 2.64
N HIS A 163 3.94 15.70 1.99
CA HIS A 163 4.22 17.02 1.47
C HIS A 163 3.09 17.94 1.86
N THR A 164 3.47 19.09 2.44
CA THR A 164 2.52 19.93 3.15
C THR A 164 2.82 21.40 2.85
N ALA A 165 1.74 22.19 2.79
CA ALA A 165 1.81 23.62 2.47
C ALA A 165 0.82 24.38 3.32
N PHE A 166 1.31 25.42 4.01
CA PHE A 166 0.52 26.23 4.91
C PHE A 166 0.71 27.70 4.60
N ALA A 167 -0.18 28.52 5.18
CA ALA A 167 -0.04 29.97 5.06
C ALA A 167 1.00 30.53 6.02
N THR A 168 1.04 30.03 7.26
CA THR A 168 1.94 30.54 8.28
C THR A 168 3.19 29.68 8.45
N GLN A 169 4.30 30.31 8.85
CA GLN A 169 5.46 29.52 9.25
C GLN A 169 5.20 28.76 10.56
N LYS A 170 4.32 29.27 11.41
CA LYS A 170 4.05 28.61 12.68
C LYS A 170 3.42 27.24 12.47
N GLU A 171 2.37 27.17 11.63
CA GLU A 171 1.79 25.89 11.21
C GLU A 171 2.87 24.91 10.75
N ALA A 172 3.76 25.38 9.88
CA ALA A 172 4.78 24.51 9.31
C ALA A 172 5.76 23.99 10.38
N ASP A 173 6.28 24.90 11.23
CA ASP A 173 7.19 24.52 12.31
C ASP A 173 6.57 23.44 13.19
N GLU A 174 5.34 23.70 13.65
CA GLU A 174 4.71 22.77 14.57
C GLU A 174 4.48 21.41 13.92
N GLU A 175 4.13 21.39 12.62
CA GLU A 175 3.98 20.10 11.96
C GLU A 175 5.30 19.34 11.90
N VAL A 176 6.38 20.02 11.56
CA VAL A 176 7.68 19.34 11.51
C VAL A 176 7.91 18.58 12.82
N LEU A 177 7.64 19.26 13.94
CA LEU A 177 7.89 18.60 15.22
C LEU A 177 6.88 17.49 15.52
N THR A 178 5.61 17.65 15.11
CA THR A 178 4.64 16.56 15.34
C THR A 178 4.99 15.31 14.53
N ILE A 179 5.42 15.51 13.28
CA ILE A 179 5.84 14.35 12.50
C ILE A 179 7.09 13.72 13.11
N LEU A 180 8.02 14.54 13.62
CA LEU A 180 9.23 13.95 14.20
C LEU A 180 8.91 13.17 15.47
N ASP A 181 7.96 13.67 16.30
CA ASP A 181 7.53 12.90 17.47
C ASP A 181 6.92 11.57 17.05
N LEU A 182 6.18 11.55 15.94
CA LEU A 182 5.64 10.26 15.52
C LEU A 182 6.73 9.34 14.99
N TYR A 183 7.73 9.87 14.29
CA TYR A 183 8.82 9.02 13.80
C TYR A 183 9.55 8.42 14.99
N ALA A 184 9.85 9.28 15.97
CA ALA A 184 10.48 8.83 17.21
C ALA A 184 9.66 7.74 17.87
N LYS A 185 8.34 7.86 17.84
CA LYS A 185 7.50 6.83 18.41
C LYS A 185 7.57 5.53 17.59
N VAL A 186 7.65 5.64 16.26
CA VAL A 186 7.87 4.45 15.45
C VAL A 186 9.08 3.69 15.97
N TYR A 187 10.17 4.41 16.19
CA TYR A 187 11.40 3.72 16.60
C TYR A 187 11.33 3.23 18.06
N THR A 188 10.86 4.05 18.99
CA THR A 188 10.96 3.56 20.37
C THR A 188 9.80 2.64 20.73
N ASP A 189 8.57 3.07 20.44
CA ASP A 189 7.38 2.38 20.94
C ASP A 189 7.01 1.13 20.15
N LEU A 190 7.30 1.11 18.85
CA LEU A 190 7.00 -0.02 17.98
C LEU A 190 8.20 -0.94 17.79
N LEU A 191 9.38 -0.37 17.52
CA LEU A 191 10.58 -1.12 17.22
C LEU A 191 11.51 -1.28 18.42
N ALA A 192 11.15 -0.72 19.60
CA ALA A 192 11.96 -0.83 20.83
C ALA A 192 13.42 -0.46 20.60
N ILE A 193 13.63 0.54 19.76
CA ILE A 193 14.95 1.08 19.40
C ILE A 193 15.03 2.51 19.93
N PRO A 194 16.05 2.88 20.70
CA PRO A 194 16.24 4.28 21.09
C PRO A 194 16.90 5.09 19.98
N VAL A 195 16.65 6.41 19.98
CA VAL A 195 17.15 7.33 18.96
C VAL A 195 17.43 8.69 19.58
N VAL A 196 18.05 9.57 18.79
CA VAL A 196 18.30 10.95 19.21
C VAL A 196 17.59 11.88 18.22
N LYS A 197 16.74 12.78 18.76
CA LYS A 197 16.07 13.81 17.95
C LYS A 197 16.98 15.02 17.82
N GLY A 198 17.07 15.58 16.62
CA GLY A 198 17.97 16.70 16.45
C GLY A 198 17.73 17.44 15.15
N ARG A 199 18.60 18.41 14.89
CA ARG A 199 18.62 19.14 13.63
C ARG A 199 19.89 18.77 12.88
N LYS A 200 19.74 18.44 11.61
CA LYS A 200 20.94 18.23 10.80
C LYS A 200 21.77 19.51 10.79
N THR A 201 23.08 19.37 10.71
CA THR A 201 23.91 20.55 10.51
C THR A 201 23.67 21.10 9.11
N GLU A 202 24.26 22.26 8.84
CA GLU A 202 24.08 22.89 7.54
C GLU A 202 24.59 22.00 6.41
N LYS A 203 25.62 21.22 6.68
CA LYS A 203 26.16 20.31 5.66
C LYS A 203 25.19 19.16 5.41
N GLU A 204 24.69 18.55 6.48
CA GLU A 204 23.92 17.32 6.38
C GLU A 204 22.43 17.56 6.23
N LYS A 205 22.00 18.81 6.32
CA LYS A 205 20.63 19.16 6.04
C LYS A 205 20.30 18.83 4.59
N PHE A 206 19.02 18.53 4.33
CA PHE A 206 18.52 18.46 2.96
C PHE A 206 18.84 19.77 2.26
N ALA A 207 19.52 19.65 1.11
CA ALA A 207 20.10 20.82 0.47
C ALA A 207 19.06 21.90 0.21
N GLY A 208 17.87 21.50 -0.26
CA GLY A 208 16.83 22.47 -0.57
C GLY A 208 16.05 23.04 0.60
N GLY A 209 16.23 22.51 1.82
CA GLY A 209 15.40 22.92 2.93
C GLY A 209 15.90 24.16 3.64
N ASP A 210 15.02 24.76 4.43
CA ASP A 210 15.47 25.74 5.40
C ASP A 210 16.24 25.04 6.51
N TYR A 211 15.62 24.06 7.15
CA TYR A 211 16.31 23.25 8.12
C TYR A 211 15.72 21.85 8.11
N THR A 212 16.45 20.91 8.70
CA THR A 212 16.07 19.50 8.59
C THR A 212 16.20 18.85 9.95
N THR A 213 15.10 18.35 10.48
CA THR A 213 15.11 17.61 11.73
C THR A 213 15.24 16.14 11.41
N THR A 214 15.61 15.37 12.42
CA THR A 214 15.87 13.97 12.19
C THR A 214 15.82 13.18 13.49
N VAL A 215 15.60 11.86 13.33
CA VAL A 215 15.87 10.88 14.36
C VAL A 215 17.06 10.06 13.87
N GLU A 216 18.08 9.91 14.73
CA GLU A 216 19.28 9.15 14.39
C GLU A 216 19.45 7.98 15.35
N ALA A 217 19.87 6.84 14.82
CA ALA A 217 20.13 5.66 15.65
C ALA A 217 21.53 5.14 15.38
N TYR A 218 22.02 4.28 16.27
CA TYR A 218 23.37 3.72 16.18
C TYR A 218 23.27 2.21 16.13
N ILE A 219 23.94 1.59 15.16
CA ILE A 219 24.13 0.15 15.18
C ILE A 219 25.54 -0.06 15.70
N SER A 220 25.65 -0.61 16.92
CA SER A 220 26.96 -0.77 17.56
C SER A 220 27.71 -2.00 17.05
N ALA A 221 26.99 -3.08 16.71
CA ALA A 221 27.65 -4.30 16.22
C ALA A 221 28.59 -3.97 15.07
N SER A 222 28.11 -3.18 14.10
CA SER A 222 28.90 -2.64 12.99
C SER A 222 29.77 -1.47 13.41
N GLY A 223 29.36 -0.72 14.43
CA GLY A 223 30.00 0.54 14.76
C GLY A 223 29.60 1.75 13.93
N ARG A 224 28.44 1.74 13.28
CA ARG A 224 28.09 2.85 12.40
C ARG A 224 26.70 3.39 12.75
N ALA A 225 26.50 4.69 12.53
CA ALA A 225 25.23 5.34 12.82
C ALA A 225 24.42 5.55 11.54
N ILE A 226 23.10 5.64 11.69
CA ILE A 226 22.21 5.71 10.53
C ILE A 226 21.01 6.60 10.82
N GLN A 227 20.62 7.41 9.86
CA GLN A 227 19.46 8.25 9.94
C GLN A 227 18.31 7.33 9.91
N GLY A 228 17.36 7.47 10.78
CA GLY A 228 16.21 6.58 10.83
C GLY A 228 14.97 7.14 10.15
N ALA A 229 14.80 8.46 10.20
CA ALA A 229 13.72 9.21 9.56
C ALA A 229 14.11 10.67 9.57
N THR A 230 13.47 11.47 8.71
CA THR A 230 13.68 12.91 8.72
C THR A 230 12.39 13.64 8.41
N SER A 231 12.38 14.91 8.81
CA SER A 231 11.21 15.76 8.69
C SER A 231 11.74 17.16 8.43
N HIS A 232 11.57 17.64 7.20
CA HIS A 232 12.19 18.89 6.75
C HIS A 232 11.19 20.03 6.81
N HIS A 233 11.73 21.23 7.02
CA HIS A 233 10.99 22.47 6.83
C HIS A 233 11.58 23.16 5.62
N LEU A 234 10.87 23.09 4.49
CA LEU A 234 11.37 23.74 3.30
C LEU A 234 11.19 25.24 3.36
N GLY A 235 10.34 25.72 4.27
CA GLY A 235 10.16 27.15 4.36
C GLY A 235 9.51 27.66 3.11
N GLN A 236 10.12 28.68 2.50
CA GLN A 236 9.57 29.29 1.28
C GLN A 236 10.40 29.01 0.03
N ASN A 237 11.36 28.09 0.10
CA ASN A 237 12.25 27.89 -1.05
C ASN A 237 11.50 27.31 -2.24
N PHE A 238 10.75 26.23 -2.01
CA PHE A 238 10.07 25.59 -3.12
C PHE A 238 8.85 26.36 -3.56
N SER A 239 8.13 27.00 -2.64
CA SER A 239 7.03 27.87 -3.05
C SER A 239 7.54 28.91 -4.05
N ARG A 240 8.63 29.62 -3.69
CA ARG A 240 9.16 30.63 -4.60
C ARG A 240 9.67 30.01 -5.89
N MET A 241 10.19 28.78 -5.82
CA MET A 241 10.63 28.10 -7.04
C MET A 241 9.45 27.80 -7.96
N PHE A 242 8.37 27.27 -7.41
CA PHE A 242 7.27 26.71 -8.17
C PHE A 242 6.05 27.63 -8.23
N ASP A 243 6.18 28.88 -7.80
CA ASP A 243 5.10 29.86 -7.85
C ASP A 243 3.83 29.26 -7.25
N ILE A 244 3.98 28.82 -6.00
CA ILE A 244 2.85 28.39 -5.21
C ILE A 244 2.44 29.60 -4.37
N VAL A 245 1.46 30.35 -4.87
CA VAL A 245 1.10 31.64 -4.30
C VAL A 245 -0.42 31.78 -4.20
N TYR A 246 -0.82 32.66 -3.27
CA TYR A 246 -2.19 33.07 -3.11
C TYR A 246 -2.21 34.57 -2.85
N GLU A 247 -3.35 35.19 -3.12
CA GLU A 247 -3.49 36.59 -2.73
C GLU A 247 -3.79 36.64 -1.24
N HIS A 248 -3.03 37.47 -0.52
CA HIS A 248 -3.32 37.65 0.89
C HIS A 248 -4.69 38.29 1.05
N PRO A 249 -5.52 37.81 1.98
CA PRO A 249 -6.86 38.39 2.12
C PRO A 249 -6.80 39.89 2.39
N GLU A 250 -5.98 40.31 3.35
CA GLU A 250 -5.76 41.73 3.55
C GLU A 250 -4.78 42.27 2.50
N THR A 251 -3.51 41.91 2.63
CA THR A 251 -2.47 42.40 1.73
C THR A 251 -2.74 42.02 0.28
N LYS A 252 -2.69 43.02 -0.61
CA LYS A 252 -2.95 42.72 -2.00
C LYS A 252 -1.80 41.91 -2.63
N GLU A 253 -0.63 41.93 -2.00
CA GLU A 253 0.59 41.34 -2.55
C GLU A 253 0.55 39.81 -2.54
N LYS A 254 1.23 39.22 -3.54
CA LYS A 254 1.37 37.77 -3.66
C LYS A 254 2.06 37.19 -2.44
N GLU A 255 1.49 36.12 -1.90
CA GLU A 255 2.06 35.42 -0.75
C GLU A 255 2.42 34.01 -1.13
N TYR A 256 3.64 33.61 -0.76
CA TYR A 256 4.13 32.26 -0.98
C TYR A 256 3.82 31.40 0.23
N VAL A 257 3.50 30.13 -0.03
CA VAL A 257 3.18 29.22 1.07
C VAL A 257 4.45 28.76 1.78
N PHE A 258 4.30 28.14 2.95
CA PHE A 258 5.40 27.54 3.72
C PHE A 258 5.23 26.03 3.67
N GLN A 259 6.28 25.34 3.25
CA GLN A 259 6.18 23.91 3.00
C GLN A 259 7.06 23.11 3.94
N ASN A 260 6.58 21.88 4.24
CA ASN A 260 7.35 20.82 4.88
C ASN A 260 7.29 19.57 4.02
N SER A 261 8.30 18.71 4.17
CA SER A 261 8.24 17.35 3.65
C SER A 261 8.89 16.40 4.67
N TRP A 262 8.40 15.17 4.67
CA TRP A 262 8.89 14.22 5.67
C TRP A 262 8.71 12.81 5.13
N GLY A 263 9.56 11.89 5.60
CA GLY A 263 9.57 10.56 5.01
C GLY A 263 10.14 9.52 5.94
N ILE A 264 9.66 8.29 5.78
CA ILE A 264 10.31 7.18 6.50
C ILE A 264 10.19 5.92 5.65
N THR A 265 11.27 5.12 5.67
CA THR A 265 11.54 4.05 4.71
C THR A 265 11.67 2.70 5.40
N THR A 266 11.85 1.65 4.60
CA THR A 266 11.97 0.30 5.14
C THR A 266 13.34 0.01 5.76
N ARG A 267 14.14 1.01 5.79
CA ARG A 267 15.38 0.92 6.42
C ARG A 267 15.16 0.66 7.87
N THR A 268 14.08 1.16 8.41
CA THR A 268 13.64 0.87 9.77
C THR A 268 13.85 -0.61 10.11
N ILE A 269 13.37 -1.50 9.24
CA ILE A 269 13.44 -2.94 9.52
C ILE A 269 14.90 -3.41 9.65
N GLY A 270 15.78 -2.91 8.78
CA GLY A 270 17.18 -3.27 8.92
C GLY A 270 17.71 -2.90 10.30
N VAL A 271 17.43 -1.66 10.72
CA VAL A 271 17.83 -1.24 12.06
C VAL A 271 17.31 -2.23 13.09
N MET A 272 16.07 -2.62 12.98
CA MET A 272 15.50 -3.54 13.89
C MET A 272 16.25 -4.86 13.98
N ILE A 273 16.67 -5.38 12.88
CA ILE A 273 17.55 -6.56 12.84
C ILE A 273 18.88 -6.26 13.55
N MET A 274 19.58 -5.22 13.09
CA MET A 274 20.93 -4.98 13.60
C MET A 274 20.90 -4.78 15.09
N VAL A 275 19.79 -4.29 15.61
CA VAL A 275 19.74 -3.97 17.03
C VAL A 275 19.27 -5.17 17.82
N HIS A 276 18.31 -5.94 17.29
CA HIS A 276 17.57 -6.85 18.17
C HIS A 276 17.83 -8.30 17.88
N ALA A 277 18.36 -8.62 16.71
CA ALA A 277 18.57 -10.01 16.34
C ALA A 277 19.84 -10.51 17.03
N ASP A 278 19.76 -11.69 17.63
CA ASP A 278 20.92 -12.21 18.31
C ASP A 278 21.56 -13.33 17.49
N ASN A 279 22.37 -14.15 18.15
CA ASN A 279 23.10 -15.20 17.45
C ASN A 279 22.24 -16.44 17.22
N GLN A 280 21.02 -16.45 17.67
CA GLN A 280 20.19 -17.55 17.36
C GLN A 280 19.21 -17.14 16.34
N GLY A 281 19.27 -15.94 15.81
CA GLY A 281 18.29 -15.55 14.85
C GLY A 281 17.62 -14.27 15.21
N LEU A 282 16.52 -13.98 14.56
CA LEU A 282 15.76 -12.78 14.79
C LEU A 282 15.07 -12.69 16.06
N VAL A 283 14.88 -11.48 16.52
CA VAL A 283 14.16 -11.21 17.73
C VAL A 283 13.24 -10.06 17.41
N LEU A 284 11.92 -10.27 17.36
CA LEU A 284 10.96 -9.26 16.90
C LEU A 284 10.42 -8.44 18.08
N PRO A 285 10.43 -7.12 17.94
CA PRO A 285 9.71 -6.27 18.88
C PRO A 285 8.26 -6.69 18.91
N PRO A 286 7.70 -6.95 20.08
CA PRO A 286 6.33 -7.49 20.14
C PRO A 286 5.31 -6.73 19.30
N ARG A 287 5.43 -5.41 19.20
CA ARG A 287 4.36 -4.61 18.60
C ARG A 287 4.34 -4.60 17.07
N VAL A 288 5.36 -5.13 16.42
CA VAL A 288 5.38 -5.25 14.96
C VAL A 288 5.37 -6.70 14.50
N ALA A 289 5.49 -7.66 15.41
CA ALA A 289 5.56 -9.06 15.03
C ALA A 289 4.21 -9.54 14.52
N CYS A 290 4.19 -10.04 13.27
CA CYS A 290 2.98 -10.62 12.71
C CYS A 290 2.37 -11.63 13.66
N ILE A 291 3.20 -12.51 14.23
CA ILE A 291 2.78 -13.42 15.30
C ILE A 291 3.49 -12.96 16.59
N GLN A 292 2.72 -12.61 17.60
CA GLN A 292 3.36 -12.30 18.87
C GLN A 292 3.60 -13.57 19.67
N VAL A 293 2.65 -14.48 19.63
CA VAL A 293 2.66 -15.69 20.43
C VAL A 293 2.44 -16.88 19.50
N VAL A 294 3.33 -17.86 19.56
CA VAL A 294 3.14 -19.07 18.80
C VAL A 294 3.00 -20.25 19.75
N ILE A 295 1.96 -21.04 19.54
CA ILE A 295 1.69 -22.20 20.37
C ILE A 295 2.23 -23.42 19.63
N VAL A 296 3.24 -24.07 20.20
CA VAL A 296 3.74 -25.33 19.68
C VAL A 296 3.19 -26.45 20.55
N PRO A 297 2.38 -27.35 20.02
CA PRO A 297 1.96 -28.51 20.82
C PRO A 297 3.14 -29.45 21.01
N CYS A 298 3.42 -29.78 22.26
CA CYS A 298 4.58 -30.57 22.64
C CYS A 298 4.13 -31.86 23.29
N GLY A 299 5.08 -32.77 23.48
CA GLY A 299 4.83 -34.04 24.12
C GLY A 299 4.33 -35.08 23.16
N ILE A 300 4.31 -34.75 21.87
CA ILE A 300 3.96 -35.67 20.80
C ILE A 300 5.17 -36.55 20.47
N THR A 301 5.03 -37.85 20.70
CA THR A 301 6.11 -38.80 20.45
C THR A 301 5.90 -39.39 19.05
N ALA A 302 6.86 -40.20 18.61
CA ALA A 302 6.67 -40.87 17.33
C ALA A 302 5.39 -41.69 17.31
N THR A 303 4.91 -42.10 18.48
CA THR A 303 3.68 -42.88 18.56
C THR A 303 2.63 -42.22 19.45
N THR A 304 2.63 -40.89 19.53
CA THR A 304 1.44 -40.19 19.97
C THR A 304 0.31 -40.49 18.97
N THR A 305 -0.87 -40.87 19.49
CA THR A 305 -2.00 -41.29 18.66
C THR A 305 -2.81 -40.11 18.11
N ASP A 306 -3.45 -40.34 16.96
CA ASP A 306 -4.23 -39.32 16.29
C ASP A 306 -5.33 -38.77 17.20
N ASP A 307 -5.92 -39.61 18.05
CA ASP A 307 -6.94 -39.09 18.96
C ASP A 307 -6.30 -38.25 20.06
N GLU A 308 -5.20 -38.73 20.67
CA GLU A 308 -4.43 -37.88 21.58
C GLU A 308 -3.92 -36.62 20.88
N ARG A 309 -3.36 -36.78 19.68
CA ARG A 309 -2.85 -35.62 18.96
C ARG A 309 -3.97 -34.62 18.71
N ARG A 310 -5.14 -35.12 18.29
CA ARG A 310 -6.27 -34.25 18.02
C ARG A 310 -6.77 -33.58 19.29
N ARG A 311 -6.82 -34.32 20.40
CA ARG A 311 -7.27 -33.73 21.67
C ARG A 311 -6.38 -32.56 22.07
N LEU A 312 -5.06 -32.77 21.97
CA LEU A 312 -4.13 -31.69 22.29
C LEU A 312 -4.24 -30.54 21.29
N TYR A 313 -4.23 -30.85 19.99
CA TYR A 313 -4.41 -29.82 18.97
C TYR A 313 -5.66 -28.98 19.25
N GLU A 314 -6.71 -29.62 19.76
CA GLU A 314 -7.98 -28.92 19.96
C GLU A 314 -7.89 -27.98 21.13
N SER A 315 -7.27 -28.42 22.23
CA SER A 315 -7.10 -27.47 23.32
C SER A 315 -6.17 -26.34 22.91
N CYS A 316 -5.20 -26.64 22.05
CA CYS A 316 -4.30 -25.61 21.56
C CYS A 316 -5.04 -24.59 20.72
N ARG A 317 -5.99 -25.05 19.92
CA ARG A 317 -6.74 -24.10 19.12
C ARG A 317 -7.64 -23.26 20.00
N GLU A 318 -8.10 -23.83 21.11
CA GLU A 318 -8.94 -23.05 22.01
C GLU A 318 -8.15 -21.98 22.73
N LEU A 319 -6.91 -22.29 23.12
CA LEU A 319 -6.05 -21.27 23.71
C LEU A 319 -5.71 -20.20 22.70
N GLU A 320 -5.38 -20.62 21.46
CA GLU A 320 -5.11 -19.67 20.40
C GLU A 320 -6.29 -18.74 20.16
N GLN A 321 -7.50 -19.29 20.22
CA GLN A 321 -8.69 -18.50 19.95
C GLN A 321 -8.95 -17.50 21.06
N THR A 322 -8.78 -17.92 22.32
CA THR A 322 -9.02 -16.94 23.38
C THR A 322 -7.89 -15.92 23.45
N PHE A 323 -6.73 -16.21 22.86
CA PHE A 323 -5.73 -15.17 22.69
C PHE A 323 -6.12 -14.19 21.58
N VAL A 324 -6.61 -14.69 20.45
CA VAL A 324 -7.06 -13.78 19.39
C VAL A 324 -8.15 -12.87 19.91
N LYS A 325 -9.17 -13.45 20.56
CA LYS A 325 -10.29 -12.67 21.08
C LYS A 325 -9.85 -11.72 22.19
N ALA A 326 -8.73 -12.00 22.86
CA ALA A 326 -8.13 -11.03 23.76
C ALA A 326 -7.36 -9.94 23.02
N GLY A 327 -7.35 -9.99 21.69
CA GLY A 327 -6.70 -9.02 20.84
C GLY A 327 -5.23 -9.24 20.57
N ILE A 328 -4.61 -10.29 21.11
CA ILE A 328 -3.20 -10.57 20.86
C ILE A 328 -3.07 -11.59 19.72
N ARG A 329 -2.11 -11.34 18.83
CA ARG A 329 -1.88 -12.12 17.62
C ARG A 329 -1.19 -13.44 17.92
N CYS A 330 -1.99 -14.51 18.03
CA CYS A 330 -1.46 -15.84 18.32
C CYS A 330 -1.86 -16.80 17.23
N GLU A 331 -0.90 -17.60 16.75
CA GLU A 331 -1.19 -18.70 15.85
C GLU A 331 -0.63 -19.97 16.47
N GLY A 332 -1.22 -21.10 16.11
CA GLY A 332 -0.74 -22.41 16.52
C GLY A 332 -0.14 -23.14 15.33
N ASP A 333 0.86 -23.95 15.60
CA ASP A 333 1.59 -24.71 14.58
C ASP A 333 1.15 -26.16 14.76
N TYR A 334 0.28 -26.64 13.87
CA TYR A 334 -0.25 -28.00 13.92
C TYR A 334 0.27 -28.87 12.79
N ARG A 335 1.42 -28.52 12.21
CA ARG A 335 1.98 -29.32 11.13
C ARG A 335 2.44 -30.65 11.67
N ASP A 336 2.12 -31.72 10.96
CA ASP A 336 2.33 -33.06 11.48
C ASP A 336 3.71 -33.61 11.13
N ASN A 337 4.38 -33.04 10.12
CA ASN A 337 5.67 -33.59 9.67
C ASN A 337 6.83 -32.86 10.30
N TYR A 338 6.62 -32.28 11.49
CA TYR A 338 7.64 -31.54 12.20
C TYR A 338 7.52 -31.81 13.71
N SER A 339 8.65 -32.12 14.33
CA SER A 339 8.74 -32.35 15.77
C SER A 339 8.58 -31.05 16.57
N PRO A 340 8.06 -31.15 17.80
CA PRO A 340 8.05 -29.96 18.69
C PRO A 340 9.37 -29.20 18.72
N GLY A 341 10.51 -29.88 18.90
CA GLY A 341 11.79 -29.18 18.95
C GLY A 341 12.13 -28.49 17.63
N TRP A 342 11.86 -29.16 16.50
CA TRP A 342 11.98 -28.53 15.20
C TRP A 342 11.22 -27.21 15.14
N LYS A 343 10.02 -27.21 15.71
CA LYS A 343 9.20 -25.99 15.71
C LYS A 343 9.79 -24.91 16.62
N TYR A 344 10.27 -25.30 17.82
CA TYR A 344 10.95 -24.34 18.70
C TYR A 344 12.04 -23.61 17.94
N ASN A 345 12.90 -24.39 17.27
CA ASN A 345 14.02 -23.77 16.55
C ASN A 345 13.52 -22.94 15.37
N HIS A 346 12.47 -23.40 14.69
CA HIS A 346 11.92 -22.65 13.56
C HIS A 346 11.46 -21.27 14.00
N TRP A 347 10.56 -21.22 14.99
CA TRP A 347 9.99 -19.95 15.40
C TRP A 347 11.00 -19.09 16.14
N GLU A 348 12.04 -19.69 16.72
CA GLU A 348 13.13 -18.89 17.26
C GLU A 348 13.86 -18.16 16.15
N LEU A 349 14.24 -18.87 15.09
CA LEU A 349 14.83 -18.19 13.94
C LEU A 349 13.91 -17.07 13.45
N LYS A 350 12.60 -17.31 13.41
CA LYS A 350 11.69 -16.26 12.93
C LYS A 350 11.44 -15.17 13.96
N GLY A 351 11.82 -15.36 15.22
CA GLY A 351 11.89 -14.27 16.17
C GLY A 351 10.62 -13.89 16.90
N VAL A 352 9.69 -14.82 17.08
CA VAL A 352 8.38 -14.57 17.69
C VAL A 352 8.55 -14.28 19.19
N PRO A 353 8.09 -13.14 19.69
CA PRO A 353 8.38 -12.79 21.09
C PRO A 353 8.12 -13.89 22.13
N VAL A 354 7.08 -14.69 21.99
CA VAL A 354 6.76 -15.69 22.99
C VAL A 354 6.40 -17.00 22.29
N ARG A 355 6.92 -18.12 22.78
CA ARG A 355 6.49 -19.40 22.37
C ARG A 355 5.76 -20.04 23.52
N ILE A 356 4.66 -20.70 23.29
CA ILE A 356 3.93 -21.43 24.32
C ILE A 356 4.12 -22.90 24.07
N GLU A 357 4.72 -23.56 25.04
CA GLU A 357 4.71 -25.02 25.08
C GLU A 357 3.51 -25.50 25.87
N LEU A 358 2.62 -26.21 25.20
CA LEU A 358 1.45 -26.82 25.83
C LEU A 358 1.41 -28.28 25.38
N GLY A 359 1.70 -29.18 26.31
CA GLY A 359 1.64 -30.60 26.08
C GLY A 359 0.53 -31.26 26.88
N PHE A 360 0.58 -32.59 26.94
CA PHE A 360 -0.46 -33.31 27.64
C PHE A 360 -0.36 -33.08 29.14
N LYS A 361 0.85 -33.15 29.70
CA LYS A 361 1.02 -32.87 31.12
C LYS A 361 0.59 -31.44 31.47
N ASP A 362 0.74 -30.49 30.53
CA ASP A 362 0.35 -29.12 30.81
C ASP A 362 -1.17 -28.97 30.86
N LEU A 363 -1.88 -29.54 29.88
CA LEU A 363 -3.32 -29.44 29.86
C LEU A 363 -3.95 -30.26 30.99
N GLN A 364 -3.26 -31.29 31.48
CA GLN A 364 -3.82 -32.05 32.58
C GLN A 364 -3.74 -31.27 33.88
N ASN A 365 -2.83 -30.30 33.95
CA ASN A 365 -2.77 -29.34 35.06
C ASN A 365 -3.37 -27.99 34.69
N ASP A 366 -4.08 -27.95 33.58
CA ASP A 366 -4.77 -26.73 33.12
C ASP A 366 -3.86 -25.52 33.14
N GLN A 367 -2.80 -25.58 32.39
CA GLN A 367 -1.77 -24.54 32.40
C GLN A 367 -0.96 -24.67 31.12
N PHE A 368 0.09 -23.84 31.04
CA PHE A 368 1.02 -23.91 29.92
C PHE A 368 2.30 -23.19 30.30
N VAL A 369 3.33 -23.34 29.47
CA VAL A 369 4.62 -22.70 29.67
C VAL A 369 4.82 -21.65 28.59
N ALA A 370 5.21 -20.45 28.99
CA ALA A 370 5.56 -19.40 28.03
C ALA A 370 7.05 -19.12 28.11
N VAL A 371 7.68 -18.97 26.94
CA VAL A 371 9.12 -18.86 26.79
C VAL A 371 9.45 -17.65 25.94
N ARG A 372 10.32 -16.78 26.46
CA ARG A 372 10.62 -15.51 25.81
C ARG A 372 11.70 -15.68 24.76
N ARG A 373 11.47 -15.12 23.58
CA ARG A 373 12.47 -15.24 22.52
C ARG A 373 13.76 -14.49 22.88
N ASP A 374 13.64 -13.40 23.63
CA ASP A 374 14.80 -12.56 23.93
C ASP A 374 15.69 -13.19 25.00
N ASN A 375 15.07 -13.65 26.09
CA ASN A 375 15.73 -14.17 27.30
C ASN A 375 15.92 -15.68 27.31
N GLY A 376 15.02 -16.43 26.71
CA GLY A 376 14.88 -17.84 27.03
C GLY A 376 14.13 -18.10 28.30
N ALA A 377 13.72 -17.05 29.02
CA ALA A 377 13.05 -17.20 30.30
C ALA A 377 11.70 -17.89 30.17
N LYS A 378 11.48 -18.90 31.00
CA LYS A 378 10.27 -19.71 31.02
C LYS A 378 9.42 -19.38 32.24
N GLN A 379 8.11 -19.25 32.01
CA GLN A 379 7.13 -18.86 33.02
C GLN A 379 5.90 -19.72 32.84
N THR A 380 5.46 -20.40 33.90
CA THR A 380 4.29 -21.26 33.83
C THR A 380 3.05 -20.47 34.25
N ILE A 381 2.05 -20.47 33.38
CA ILE A 381 0.83 -19.70 33.58
C ILE A 381 -0.33 -20.65 33.72
N LYS A 382 -1.15 -20.43 34.75
CA LYS A 382 -2.41 -21.13 34.89
C LYS A 382 -3.31 -20.69 33.74
N ARG A 383 -3.97 -21.65 33.09
CA ARG A 383 -4.73 -21.34 31.87
C ARG A 383 -5.72 -20.19 32.10
N ALA A 384 -6.30 -20.13 33.31
CA ALA A 384 -7.26 -19.08 33.67
C ALA A 384 -6.66 -17.68 33.51
N GLN A 385 -5.48 -17.46 34.11
CA GLN A 385 -4.86 -16.15 34.10
C GLN A 385 -4.25 -15.78 32.75
N ALA A 386 -4.40 -16.64 31.74
CA ALA A 386 -3.79 -16.41 30.43
C ALA A 386 -4.10 -15.02 29.92
N THR A 387 -5.39 -14.73 29.78
CA THR A 387 -5.83 -13.48 29.19
C THR A 387 -5.21 -12.25 29.86
N VAL A 388 -4.83 -12.36 31.14
CA VAL A 388 -4.36 -11.18 31.86
C VAL A 388 -2.85 -11.20 31.94
N GLU A 389 -2.25 -12.39 31.91
CA GLU A 389 -0.81 -12.48 32.07
C GLU A 389 -0.08 -12.17 30.76
N MET A 390 -0.63 -12.61 29.63
CA MET A 390 0.07 -12.53 28.35
C MET A 390 0.29 -11.10 27.86
N PRO A 391 -0.64 -10.15 28.07
CA PRO A 391 -0.32 -8.76 27.73
C PRO A 391 0.81 -8.21 28.59
N LYS A 392 0.71 -8.35 29.92
CA LYS A 392 1.82 -7.96 30.79
C LYS A 392 3.14 -8.44 30.21
N LEU A 393 3.23 -9.75 29.93
CA LEU A 393 4.45 -10.35 29.40
C LEU A 393 4.93 -9.60 28.16
N LEU A 394 4.04 -9.41 27.18
CA LEU A 394 4.46 -8.75 25.95
C LEU A 394 4.88 -7.32 26.22
N GLU A 395 4.16 -6.64 27.12
CA GLU A 395 4.62 -5.36 27.66
C GLU A 395 6.05 -5.49 28.19
N THR A 396 6.24 -6.40 29.15
CA THR A 396 7.57 -6.58 29.72
C THR A 396 8.61 -6.81 28.63
N ILE A 397 8.28 -7.66 27.65
CA ILE A 397 9.32 -8.01 26.70
C ILE A 397 9.79 -6.76 25.99
N HIS A 398 8.83 -5.92 25.55
CA HIS A 398 9.20 -4.70 24.88
C HIS A 398 10.16 -3.89 25.75
N THR A 399 9.76 -3.67 27.01
CA THR A 399 10.60 -2.86 27.87
C THR A 399 12.02 -3.41 27.89
N SER A 400 12.17 -4.74 28.04
CA SER A 400 13.53 -5.26 28.17
C SER A 400 14.32 -4.97 26.89
N MET A 401 13.71 -5.28 25.74
CA MET A 401 14.31 -4.99 24.44
C MET A 401 14.71 -3.53 24.36
N TYR A 402 13.81 -2.62 24.79
CA TYR A 402 14.12 -1.20 24.68
C TYR A 402 15.24 -0.80 25.63
N GLU A 403 15.11 -1.14 26.92
CA GLU A 403 16.08 -0.58 27.85
C GLU A 403 17.48 -1.14 27.59
N ARG A 404 17.54 -2.38 27.16
CA ARG A 404 18.76 -2.98 26.76
C ARG A 404 19.33 -2.23 25.67
N ALA A 405 18.57 -1.95 24.67
CA ALA A 405 19.09 -1.19 23.54
C ALA A 405 19.58 0.19 23.98
N GLU A 406 18.78 0.89 24.80
CA GLU A 406 19.20 2.22 25.23
C GLU A 406 20.48 2.12 26.06
N ARG A 407 20.58 1.12 26.95
CA ARG A 407 21.83 0.91 27.69
C ARG A 407 23.00 0.86 26.72
N ASP A 408 22.90 0.03 25.67
CA ASP A 408 23.99 -0.07 24.72
C ASP A 408 24.30 1.29 24.11
N LEU A 409 23.25 2.02 23.74
CA LEU A 409 23.46 3.34 23.14
C LEU A 409 24.22 4.25 24.09
N GLN A 410 23.90 4.18 25.38
CA GLN A 410 24.56 5.09 26.30
C GLN A 410 25.98 4.62 26.57
N SER A 411 26.21 3.30 26.47
CA SER A 411 27.55 2.76 26.53
C SER A 411 28.40 3.13 25.32
N HIS A 412 27.77 3.63 24.26
CA HIS A 412 28.48 3.96 23.03
C HIS A 412 28.32 5.43 22.69
N THR A 413 28.00 6.27 23.68
CA THR A 413 27.99 7.71 23.52
C THR A 413 28.93 8.37 24.53
N LYS A 414 30.05 8.87 24.03
CA LYS A 414 31.08 9.49 24.83
C LYS A 414 31.16 10.97 24.45
N LEU A 415 31.31 11.84 25.44
CA LEU A 415 31.48 13.29 25.23
C LEU A 415 32.91 13.71 25.53
N THR A 416 33.45 14.61 24.72
CA THR A 416 34.75 15.21 24.94
C THR A 416 34.70 16.65 24.48
N LYS A 417 35.66 17.44 24.94
CA LYS A 417 35.92 18.74 24.33
C LYS A 417 37.28 18.75 23.67
N GLN A 418 37.99 17.63 23.75
CA GLN A 418 39.36 17.52 23.26
C GLN A 418 39.37 16.61 22.06
N TRP A 419 40.11 17.03 21.03
CA TRP A 419 40.14 16.38 19.71
C TRP A 419 40.81 15.00 19.78
N ALA A 420 41.86 14.88 20.60
CA ALA A 420 42.55 13.61 20.76
C ALA A 420 41.63 12.58 21.42
N GLU A 421 40.92 13.00 22.47
CA GLU A 421 39.96 12.12 23.09
C GLU A 421 38.81 11.81 22.14
N PHE A 422 38.49 12.76 21.25
CA PHE A 422 37.51 12.51 20.19
C PHE A 422 37.94 11.35 19.30
N LEU A 423 39.22 11.35 18.90
CA LEU A 423 39.66 10.36 17.93
C LEU A 423 39.95 9.03 18.59
N GLN A 424 40.32 9.05 19.87
CA GLN A 424 40.40 7.83 20.65
C GLN A 424 39.02 7.18 20.73
N PHE A 425 38.03 7.93 21.24
CA PHE A 425 36.65 7.44 21.30
C PHE A 425 36.16 6.93 19.94
N LEU A 426 36.48 7.64 18.86
CA LEU A 426 35.98 7.19 17.57
C LEU A 426 36.66 5.89 17.14
N GLU A 427 37.95 5.73 17.46
CA GLU A 427 38.65 4.51 17.13
C GLU A 427 38.11 3.32 17.90
N THR A 428 37.69 3.54 19.16
CA THR A 428 37.11 2.48 19.99
C THR A 428 35.64 2.18 19.65
N LYS A 429 35.13 2.62 18.49
CA LYS A 429 33.82 2.19 17.96
C LYS A 429 32.62 2.75 18.72
N ASN A 430 32.58 4.07 18.90
CA ASN A 430 31.38 4.71 19.44
C ASN A 430 31.29 6.15 18.91
N ILE A 431 30.25 6.86 19.34
CA ILE A 431 29.91 8.18 18.80
C ILE A 431 30.09 9.24 19.87
N ILE A 432 30.34 10.46 19.43
CA ILE A 432 30.91 11.49 20.28
C ILE A 432 30.07 12.76 20.21
N MET A 433 29.59 13.23 21.35
CA MET A 433 29.08 14.59 21.43
C MET A 433 30.21 15.54 21.80
N ALA A 434 30.42 16.54 20.97
CA ALA A 434 31.50 17.49 21.16
C ALA A 434 31.04 18.88 20.74
N PRO A 435 31.66 19.93 21.26
CA PRO A 435 31.28 21.28 20.83
C PRO A 435 31.80 21.58 19.41
N PHE A 436 30.89 22.07 18.57
CA PHE A 436 31.13 22.22 17.13
C PHE A 436 30.73 23.62 16.71
N CYS A 437 31.60 24.25 15.90
CA CYS A 437 31.36 25.61 15.39
C CYS A 437 30.18 25.67 14.44
N GLY A 438 29.82 24.55 13.81
CA GLY A 438 28.72 24.48 12.87
C GLY A 438 29.08 24.79 11.43
N GLU A 439 30.21 25.43 11.16
CA GLU A 439 30.49 25.84 9.80
C GLU A 439 30.89 24.63 8.98
N ILE A 440 30.67 24.74 7.66
CA ILE A 440 30.77 23.57 6.79
C ILE A 440 32.22 23.15 6.60
N SER A 441 33.11 24.11 6.28
CA SER A 441 34.54 23.84 6.23
C SER A 441 35.01 23.02 7.42
N CYS A 442 34.59 23.36 8.63
CA CYS A 442 35.17 22.68 9.78
C CYS A 442 34.62 21.26 9.91
N GLU A 443 33.35 21.06 9.53
CA GLU A 443 32.83 19.70 9.44
C GLU A 443 33.61 18.88 8.42
N ASP A 444 34.02 19.51 7.32
CA ASP A 444 34.85 18.85 6.31
C ASP A 444 36.20 18.45 6.89
N ARG A 445 36.87 19.38 7.61
CA ARG A 445 38.18 19.08 8.20
C ARG A 445 38.06 17.99 9.25
N ILE A 446 36.97 18.01 10.01
CA ILE A 446 36.72 16.98 11.01
C ILE A 446 36.61 15.61 10.35
N LYS A 447 35.77 15.53 9.31
CA LYS A 447 35.54 14.28 8.60
C LYS A 447 36.83 13.75 7.97
N ALA A 448 37.58 14.62 7.29
CA ALA A 448 38.82 14.19 6.65
C ALA A 448 39.81 13.69 7.69
N GLU A 449 39.91 14.39 8.82
CA GLU A 449 40.98 14.12 9.76
C GLU A 449 40.62 13.04 10.79
N SER A 450 39.49 12.33 10.61
CA SER A 450 39.21 11.15 11.42
C SER A 450 39.39 9.85 10.63
N ALA A 451 39.96 9.94 9.43
CA ALA A 451 40.20 8.79 8.56
C ALA A 451 41.46 8.03 9.00
N GLY A 465 36.21 7.89 8.61
CA GLY A 465 35.82 9.29 8.68
C GLY A 465 34.60 9.52 9.56
N ALA A 466 34.43 10.74 10.07
CA ALA A 466 33.35 11.04 11.02
C ALA A 466 32.49 12.19 10.52
N LYS A 467 31.20 11.96 10.40
CA LYS A 467 30.25 12.98 9.98
C LYS A 467 29.44 13.48 11.16
N SER A 468 28.86 14.66 11.01
CA SER A 468 27.77 15.05 11.88
C SER A 468 26.63 14.06 11.79
N LEU A 469 25.98 13.85 12.92
CA LEU A 469 24.74 13.13 13.00
C LEU A 469 23.55 14.07 13.20
N CYS A 470 23.50 14.75 14.34
CA CYS A 470 22.56 15.82 14.56
C CYS A 470 23.09 16.74 15.65
N ILE A 471 22.53 17.93 15.68
CA ILE A 471 22.67 18.84 16.81
C ILE A 471 21.55 18.45 17.77
N PRO A 472 21.83 17.67 18.81
CA PRO A 472 20.74 17.08 19.59
C PRO A 472 19.88 18.15 20.25
N PHE A 473 18.58 17.87 20.30
CA PHE A 473 17.64 18.73 21.00
C PHE A 473 17.95 18.76 22.48
N GLU A 474 18.10 17.61 23.11
CA GLU A 474 18.56 17.56 24.48
C GLU A 474 20.08 17.77 24.45
N GLN A 475 20.50 18.97 24.79
CA GLN A 475 21.93 19.24 24.78
C GLN A 475 22.52 18.72 26.08
N PRO A 476 23.77 18.23 26.06
CA PRO A 476 24.34 17.71 27.32
C PRO A 476 24.69 18.80 28.32
N ALA A 477 25.00 20.00 27.83
CA ALA A 477 25.33 21.16 28.67
C ALA A 477 25.23 22.38 27.77
N LYS A 478 25.13 23.54 28.39
CA LYS A 478 25.04 24.78 27.63
C LYS A 478 26.46 25.30 27.48
N ILE A 479 26.81 25.69 26.26
CA ILE A 479 28.20 26.05 25.97
C ILE A 479 28.50 27.36 26.68
N ASP A 480 29.54 27.36 27.53
CA ASP A 480 29.91 28.54 28.31
C ASP A 480 31.00 29.26 27.55
N PRO A 481 30.67 30.35 26.84
CA PRO A 481 31.60 30.95 25.89
C PRO A 481 32.87 31.49 26.49
N LYS A 482 32.95 31.67 27.80
CA LYS A 482 34.22 32.12 28.39
C LYS A 482 35.33 31.09 28.13
N VAL A 483 34.98 29.86 27.77
CA VAL A 483 35.93 28.77 27.64
C VAL A 483 35.76 27.99 26.34
N ASP A 484 34.54 27.54 26.05
CA ASP A 484 34.32 26.56 24.99
C ASP A 484 34.71 27.05 23.60
N LYS A 485 35.49 26.24 22.88
CA LYS A 485 35.80 26.46 21.48
C LYS A 485 35.47 25.17 20.73
N CYS A 486 35.23 25.30 19.43
CA CYS A 486 34.89 24.13 18.61
C CYS A 486 36.00 23.08 18.70
N VAL A 487 35.60 21.81 18.73
CA VAL A 487 36.52 20.73 19.01
C VAL A 487 37.60 20.58 17.95
N HIS A 488 37.38 21.10 16.76
CA HIS A 488 38.46 20.98 15.79
C HIS A 488 39.49 22.07 16.01
N PRO A 489 40.78 21.72 16.14
CA PRO A 489 41.81 22.75 16.41
C PRO A 489 42.08 23.74 15.27
N ALA A 490 41.71 23.45 14.03
CA ALA A 490 42.05 24.39 12.96
C ALA A 490 41.10 25.58 12.88
N CYS A 491 39.83 25.37 13.21
CA CYS A 491 38.93 26.49 13.31
C CYS A 491 39.04 27.03 14.74
N GLY A 492 39.07 28.34 14.87
CA GLY A 492 39.15 28.96 16.16
C GLY A 492 37.81 29.54 16.56
N ARG A 493 36.74 29.16 15.86
CA ARG A 493 35.41 29.62 16.17
C ARG A 493 34.98 29.07 17.53
N VAL A 494 34.34 29.95 18.33
CA VAL A 494 33.67 29.52 19.55
C VAL A 494 32.57 28.51 19.21
N ALA A 495 32.34 27.57 20.12
CA ALA A 495 31.36 26.51 19.87
C ALA A 495 29.93 27.04 19.84
N LYS A 496 29.19 26.68 18.79
CA LYS A 496 27.79 27.05 18.73
C LYS A 496 26.92 26.13 19.58
N PHE A 497 27.30 24.86 19.70
CA PHE A 497 26.48 23.89 20.41
C PHE A 497 27.29 22.59 20.52
N TYR A 498 26.69 21.61 21.17
CA TYR A 498 27.17 20.24 21.08
C TYR A 498 26.55 19.59 19.85
N THR A 499 27.37 18.90 19.06
CA THR A 499 26.93 18.11 17.93
C THR A 499 27.38 16.68 18.15
N LEU A 500 26.71 15.75 17.47
CA LEU A 500 27.03 14.34 17.57
C LEU A 500 27.74 13.90 16.29
N PHE A 501 28.93 13.33 16.45
CA PHE A 501 29.71 12.83 15.33
C PHE A 501 29.91 11.33 15.49
N GLY A 502 30.02 10.66 14.35
CA GLY A 502 30.27 9.24 14.32
C GLY A 502 30.58 8.80 12.91
N ARG A 503 30.97 7.54 12.79
CA ARG A 503 31.15 6.94 11.49
C ARG A 503 29.77 6.56 10.93
N SER A 504 29.54 6.86 9.66
CA SER A 504 28.21 6.86 9.08
C SER A 504 27.91 5.62 8.24
N TYR A 505 26.62 5.36 8.07
CA TYR A 505 26.18 4.38 7.12
C TYR A 505 25.95 5.06 5.78
N LEU B 6 -21.06 21.02 -14.31
CA LEU B 6 -20.87 20.07 -15.41
C LEU B 6 -21.27 20.68 -16.75
N GLU B 7 -20.41 20.54 -17.77
CA GLU B 7 -20.67 21.17 -19.07
C GLU B 7 -21.16 20.22 -20.15
N ALA B 8 -20.86 18.93 -20.09
CA ALA B 8 -21.34 17.96 -21.09
C ALA B 8 -22.27 16.95 -20.43
N THR B 9 -22.74 15.99 -21.24
CA THR B 9 -23.70 15.01 -20.73
C THR B 9 -23.43 13.61 -21.26
N LYS B 10 -23.78 12.64 -20.40
CA LYS B 10 -23.54 11.22 -20.65
C LYS B 10 -24.25 10.76 -21.93
N GLU B 11 -25.44 11.29 -22.21
CA GLU B 11 -26.26 10.73 -23.27
C GLU B 11 -25.73 11.08 -24.64
N ASP B 12 -25.05 12.23 -24.77
CA ASP B 12 -24.68 12.74 -26.07
C ASP B 12 -23.18 12.69 -26.33
N ASN B 13 -22.33 13.10 -25.38
CA ASN B 13 -20.87 13.08 -25.54
C ASN B 13 -20.29 12.37 -24.33
N LEU B 14 -20.16 11.06 -24.43
CA LEU B 14 -19.68 10.30 -23.30
C LEU B 14 -18.25 10.64 -22.90
N PRO B 15 -17.27 10.74 -23.82
CA PRO B 15 -15.89 10.90 -23.35
C PRO B 15 -15.62 12.21 -22.67
N ASP B 16 -16.11 13.33 -23.21
CA ASP B 16 -15.86 14.59 -22.54
C ASP B 16 -16.69 14.76 -21.28
N TRP B 17 -17.84 14.10 -21.20
CA TRP B 17 -18.55 13.98 -19.93
C TRP B 17 -17.72 13.22 -18.90
N TYR B 18 -17.08 12.12 -19.31
CA TYR B 18 -16.24 11.37 -18.39
C TYR B 18 -15.09 12.23 -17.90
N SER B 19 -14.51 13.02 -18.80
CA SER B 19 -13.40 13.88 -18.43
C SER B 19 -13.86 14.98 -17.47
N GLN B 20 -15.03 15.56 -17.73
CA GLN B 20 -15.55 16.56 -16.80
C GLN B 20 -15.94 15.93 -15.46
N VAL B 21 -16.37 14.68 -15.46
CA VAL B 21 -16.77 14.04 -14.21
C VAL B 21 -15.54 13.71 -13.35
N ILE B 22 -14.45 13.27 -13.97
CA ILE B 22 -13.28 12.97 -13.19
C ILE B 22 -12.48 14.22 -12.82
N THR B 23 -12.60 15.32 -13.57
CA THR B 23 -11.90 16.55 -13.19
C THR B 23 -12.70 17.39 -12.20
N LYS B 24 -13.99 17.63 -12.48
CA LYS B 24 -14.75 18.43 -11.53
C LYS B 24 -15.10 17.64 -10.28
N GLY B 25 -14.86 16.33 -10.28
CA GLY B 25 -14.94 15.54 -9.07
C GLY B 25 -13.68 15.44 -8.23
N GLU B 26 -12.62 16.20 -8.55
CA GLU B 26 -11.40 16.23 -7.73
C GLU B 26 -10.81 14.83 -7.60
N MET B 27 -10.95 14.05 -8.63
CA MET B 27 -10.46 12.70 -8.62
C MET B 27 -9.18 12.45 -9.30
N ILE B 28 -8.86 13.26 -10.25
CA ILE B 28 -7.78 13.04 -11.20
C ILE B 28 -7.14 14.39 -11.46
N GLU B 29 -5.82 14.40 -11.56
CA GLU B 29 -5.14 15.57 -12.11
C GLU B 29 -4.25 15.14 -13.25
N TYR B 30 -4.28 15.91 -14.34
CA TYR B 30 -3.59 15.51 -15.55
C TYR B 30 -2.09 15.68 -15.35
N TYR B 31 -1.32 14.99 -16.20
CA TYR B 31 0.08 14.74 -15.94
C TYR B 31 0.84 14.68 -17.26
N ASP B 32 2.09 15.17 -17.25
CA ASP B 32 2.87 15.36 -18.46
C ASP B 32 3.54 14.10 -18.98
N VAL B 33 3.16 12.94 -18.45
CA VAL B 33 3.53 11.65 -19.03
C VAL B 33 2.27 10.99 -19.51
N SER B 34 2.21 10.66 -20.79
CA SER B 34 0.95 10.13 -21.29
C SER B 34 0.70 8.75 -20.70
N GLY B 35 -0.58 8.43 -20.55
CA GLY B 35 -1.00 7.20 -19.92
C GLY B 35 -1.05 7.25 -18.44
N CYS B 36 -0.59 8.33 -17.82
CA CYS B 36 -0.46 8.36 -16.37
C CYS B 36 -1.19 9.56 -15.80
N TYR B 37 -1.86 9.34 -14.68
CA TYR B 37 -2.74 10.34 -14.11
C TYR B 37 -2.57 10.30 -12.61
N ILE B 38 -2.68 11.48 -11.99
CA ILE B 38 -2.55 11.60 -10.55
C ILE B 38 -3.87 11.19 -9.91
N LEU B 39 -3.82 10.19 -9.03
CA LEU B 39 -4.98 9.86 -8.23
C LEU B 39 -5.00 10.80 -7.04
N ARG B 40 -5.89 11.79 -7.09
CA ARG B 40 -6.07 12.69 -5.97
C ARG B 40 -6.75 11.94 -4.83
N HIS B 41 -6.81 12.57 -3.66
CA HIS B 41 -7.26 11.81 -2.50
C HIS B 41 -8.68 11.31 -2.68
N TRP B 42 -9.52 12.07 -3.40
CA TRP B 42 -10.93 11.68 -3.49
C TRP B 42 -11.13 10.37 -4.25
N SER B 43 -10.30 10.06 -5.24
CA SER B 43 -10.46 8.75 -5.88
C SER B 43 -9.60 7.68 -5.23
N PHE B 44 -8.45 8.07 -4.70
CA PHE B 44 -7.62 7.10 -4.03
C PHE B 44 -8.35 6.48 -2.85
N ALA B 45 -9.25 7.22 -2.22
CA ALA B 45 -10.02 6.62 -1.14
C ALA B 45 -10.96 5.51 -1.64
N ILE B 46 -11.55 5.66 -2.82
CA ILE B 46 -12.37 4.56 -3.33
C ILE B 46 -11.50 3.31 -3.50
N TRP B 47 -10.31 3.52 -4.07
CA TRP B 47 -9.39 2.39 -4.18
C TRP B 47 -9.04 1.81 -2.81
N LYS B 48 -8.87 2.67 -1.80
CA LYS B 48 -8.41 2.21 -0.50
C LYS B 48 -9.49 1.36 0.16
N ALA B 49 -10.76 1.73 -0.06
CA ALA B 49 -11.88 0.95 0.46
C ALA B 49 -11.93 -0.43 -0.21
N ILE B 50 -11.77 -0.47 -1.54
CA ILE B 50 -11.69 -1.77 -2.23
C ILE B 50 -10.49 -2.58 -1.71
N ARG B 51 -9.31 -1.96 -1.66
CA ARG B 51 -8.09 -2.60 -1.19
C ARG B 51 -8.27 -3.23 0.18
N ASN B 52 -8.77 -2.45 1.15
CA ASN B 52 -8.90 -2.95 2.50
C ASN B 52 -9.96 -4.05 2.58
N TRP B 53 -11.10 -3.87 1.91
CA TRP B 53 -12.14 -4.91 1.98
C TRP B 53 -11.60 -6.24 1.47
N PHE B 54 -10.94 -6.20 0.30
CA PHE B 54 -10.46 -7.43 -0.32
C PHE B 54 -9.30 -8.03 0.45
N ASP B 55 -8.39 -7.18 0.94
CA ASP B 55 -7.24 -7.70 1.65
C ASP B 55 -7.69 -8.42 2.90
N ALA B 56 -8.65 -7.84 3.61
CA ALA B 56 -9.16 -8.52 4.78
C ALA B 56 -9.77 -9.85 4.41
N GLU B 57 -10.53 -9.90 3.32
CA GLU B 57 -11.11 -11.16 2.88
C GLU B 57 -10.04 -12.23 2.62
N ILE B 58 -9.08 -11.92 1.73
CA ILE B 58 -8.14 -12.96 1.32
C ILE B 58 -7.17 -13.28 2.45
N THR B 59 -7.04 -12.37 3.39
CA THR B 59 -6.22 -12.62 4.56
C THR B 59 -6.92 -13.59 5.48
N ARG B 60 -8.22 -13.42 5.64
CA ARG B 60 -9.00 -14.38 6.38
C ARG B 60 -8.93 -15.74 5.73
N LEU B 61 -8.77 -15.78 4.39
CA LEU B 61 -8.71 -17.03 3.64
C LEU B 61 -7.40 -17.80 3.80
N GLY B 62 -6.33 -17.14 4.25
CA GLY B 62 -5.03 -17.74 4.37
C GLY B 62 -3.99 -17.24 3.37
N VAL B 63 -4.30 -16.26 2.55
CA VAL B 63 -3.31 -15.65 1.68
C VAL B 63 -2.49 -14.64 2.46
N LYS B 64 -1.26 -14.45 2.04
CA LYS B 64 -0.34 -13.59 2.77
C LYS B 64 0.27 -12.56 1.84
N GLU B 65 0.54 -11.40 2.40
CA GLU B 65 1.02 -10.25 1.64
C GLU B 65 2.54 -10.20 1.61
N CYS B 66 3.10 -9.93 0.43
CA CYS B 66 4.54 -9.81 0.22
C CYS B 66 4.79 -8.69 -0.79
N TYR B 67 6.05 -8.45 -1.13
CA TYR B 67 6.34 -7.44 -2.14
C TYR B 67 7.63 -7.80 -2.85
N PHE B 68 7.53 -8.11 -4.19
CA PHE B 68 8.66 -8.36 -5.09
C PHE B 68 9.02 -7.07 -5.82
N PRO B 69 10.22 -6.98 -6.42
CA PRO B 69 10.66 -5.69 -6.95
C PRO B 69 9.83 -5.20 -8.14
N ILE B 70 9.94 -3.89 -8.36
CA ILE B 70 9.34 -3.25 -9.52
C ILE B 70 10.13 -3.60 -10.78
N PHE B 71 11.37 -4.09 -10.65
CA PHE B 71 12.26 -4.34 -11.78
C PHE B 71 12.43 -5.83 -12.08
N VAL B 72 12.52 -6.15 -13.36
CA VAL B 72 12.75 -7.51 -13.84
C VAL B 72 13.93 -7.42 -14.82
N SER B 73 15.01 -8.18 -14.64
CA SER B 73 15.92 -7.84 -15.72
C SER B 73 15.64 -8.80 -16.87
N ARG B 74 16.22 -8.45 -18.04
CA ARG B 74 15.85 -9.07 -19.31
C ARG B 74 15.77 -10.59 -19.23
N ALA B 75 16.70 -11.21 -18.52
CA ALA B 75 16.76 -12.66 -18.47
C ALA B 75 15.57 -13.26 -17.72
N ALA B 76 15.26 -12.71 -16.55
CA ALA B 76 14.09 -13.18 -15.82
C ALA B 76 12.87 -13.17 -16.71
N LEU B 77 12.74 -12.13 -17.53
CA LEU B 77 11.55 -11.93 -18.34
C LEU B 77 11.46 -12.93 -19.49
N GLU B 78 12.45 -12.90 -20.40
CA GLU B 78 12.32 -13.63 -21.67
C GLU B 78 12.61 -15.11 -21.45
N ARG B 79 11.67 -15.77 -20.79
CA ARG B 79 11.77 -17.20 -20.52
C ARG B 79 10.38 -17.83 -20.42
N ASP B 86 3.89 -10.64 -29.09
CA ASP B 86 3.40 -11.43 -27.97
C ASP B 86 3.54 -10.68 -26.64
N PHE B 87 3.06 -9.41 -26.65
CA PHE B 87 3.07 -8.44 -25.55
C PHE B 87 4.37 -7.63 -25.56
N ALA B 88 5.44 -8.21 -26.10
CA ALA B 88 6.77 -7.61 -26.01
C ALA B 88 6.86 -6.13 -26.39
N PRO B 89 6.14 -5.61 -27.40
CA PRO B 89 6.24 -4.17 -27.67
C PRO B 89 5.86 -3.26 -26.50
N GLU B 90 5.01 -3.73 -25.59
CA GLU B 90 4.44 -2.90 -24.53
C GLU B 90 5.20 -2.95 -23.19
N VAL B 91 6.53 -2.98 -23.17
CA VAL B 91 7.30 -3.14 -21.92
C VAL B 91 8.28 -1.98 -21.76
N ALA B 92 8.20 -1.30 -20.62
CA ALA B 92 9.08 -0.16 -20.34
C ALA B 92 10.47 -0.63 -19.91
N TRP B 93 11.51 -0.09 -20.54
CA TRP B 93 12.88 -0.52 -20.30
C TRP B 93 13.71 0.63 -19.74
N VAL B 94 14.18 0.47 -18.49
CA VAL B 94 15.29 1.28 -17.99
C VAL B 94 16.59 0.78 -18.61
N THR B 95 17.40 1.69 -19.15
CA THR B 95 18.67 1.29 -19.72
C THR B 95 19.80 2.28 -19.42
N LYS B 96 19.57 3.30 -18.61
CA LYS B 96 20.66 4.18 -18.22
C LYS B 96 20.35 4.74 -16.85
N SER B 97 21.38 4.76 -16.01
CA SER B 97 21.38 5.49 -14.75
C SER B 97 22.11 6.81 -14.99
N GLY B 98 21.37 7.91 -14.91
CA GLY B 98 21.85 9.25 -15.19
C GLY B 98 22.19 9.39 -16.66
N ASP B 99 23.47 9.51 -16.97
CA ASP B 99 23.96 9.48 -18.35
C ASP B 99 24.88 8.30 -18.57
N SER B 100 25.12 7.49 -17.53
CA SER B 100 25.93 6.28 -17.58
C SER B 100 25.03 5.12 -18.03
N GLU B 101 25.38 4.50 -19.16
CA GLU B 101 24.60 3.39 -19.69
C GLU B 101 24.84 2.12 -18.87
N LEU B 102 23.78 1.35 -18.67
CA LEU B 102 23.86 0.15 -17.85
C LEU B 102 24.05 -1.08 -18.72
N ALA B 103 24.67 -2.11 -18.12
CA ALA B 103 25.10 -3.27 -18.87
C ALA B 103 23.91 -4.03 -19.45
N GLU B 104 23.08 -4.59 -18.59
CA GLU B 104 21.88 -5.21 -19.11
C GLU B 104 20.67 -4.35 -18.75
N PRO B 105 19.73 -4.19 -19.68
CA PRO B 105 18.54 -3.37 -19.39
C PRO B 105 17.51 -4.15 -18.60
N ILE B 106 16.79 -3.41 -17.77
CA ILE B 106 15.78 -4.00 -16.89
C ILE B 106 14.42 -3.41 -17.25
N ALA B 107 13.41 -4.24 -17.10
CA ALA B 107 12.05 -3.93 -17.49
C ALA B 107 11.24 -3.54 -16.26
N VAL B 108 10.36 -2.55 -16.42
CA VAL B 108 9.41 -2.23 -15.37
C VAL B 108 8.27 -3.25 -15.44
N ARG B 109 7.98 -3.87 -14.31
CA ARG B 109 7.13 -5.04 -14.30
C ARG B 109 5.74 -4.72 -14.86
N PRO B 110 5.20 -5.56 -15.75
CA PRO B 110 3.82 -5.42 -16.20
C PRO B 110 2.88 -6.40 -15.53
N THR B 111 3.47 -7.32 -14.77
CA THR B 111 2.81 -8.41 -14.04
C THR B 111 3.99 -9.20 -13.49
N SER B 112 3.80 -10.05 -12.46
CA SER B 112 4.94 -10.57 -11.71
C SER B 112 5.15 -12.08 -11.82
N GLU B 113 4.68 -12.73 -12.90
CA GLU B 113 4.88 -14.18 -13.01
C GLU B 113 6.36 -14.54 -13.16
N THR B 114 7.05 -13.86 -14.07
CA THR B 114 8.45 -14.12 -14.40
C THR B 114 9.41 -13.87 -13.24
N VAL B 115 8.95 -13.23 -12.17
CA VAL B 115 9.78 -12.99 -11.00
C VAL B 115 9.38 -13.87 -9.83
N MET B 116 8.09 -14.00 -9.54
CA MET B 116 7.73 -14.78 -8.38
C MET B 116 7.76 -16.27 -8.65
N TYR B 117 7.78 -16.70 -9.88
CA TYR B 117 7.71 -18.14 -10.01
C TYR B 117 9.07 -18.82 -9.81
N PRO B 118 10.19 -18.22 -10.26
CA PRO B 118 11.50 -18.76 -9.82
C PRO B 118 11.64 -18.85 -8.32
N ALA B 119 11.15 -17.83 -7.61
CA ALA B 119 11.15 -17.89 -6.16
C ALA B 119 10.31 -19.06 -5.66
N TYR B 120 9.16 -19.31 -6.30
CA TYR B 120 8.34 -20.43 -5.85
C TYR B 120 9.08 -21.75 -6.04
N ALA B 121 9.84 -21.90 -7.13
CA ALA B 121 10.62 -23.12 -7.33
C ALA B 121 11.70 -23.26 -6.28
N LYS B 122 12.33 -22.15 -5.90
CA LYS B 122 13.39 -22.19 -4.91
C LYS B 122 12.83 -22.52 -3.52
N TRP B 123 11.63 -22.02 -3.21
CA TRP B 123 11.06 -22.18 -1.88
C TRP B 123 10.29 -23.49 -1.71
N ILE B 124 10.00 -24.23 -2.77
CA ILE B 124 9.29 -25.49 -2.66
C ILE B 124 10.30 -26.60 -2.85
N GLN B 125 10.93 -27.01 -1.74
CA GLN B 125 11.91 -28.07 -1.74
C GLN B 125 11.31 -29.40 -1.30
N SER B 126 10.08 -29.42 -0.81
CA SER B 126 9.42 -30.66 -0.44
C SER B 126 7.92 -30.45 -0.53
N TYR B 127 7.18 -31.56 -0.48
CA TYR B 127 5.72 -31.48 -0.37
C TYR B 127 5.30 -30.66 0.85
N ARG B 128 6.14 -30.69 1.91
CA ARG B 128 5.83 -30.02 3.17
C ARG B 128 5.61 -28.52 2.97
N ASP B 129 6.18 -27.96 1.92
CA ASP B 129 6.14 -26.54 1.58
C ASP B 129 4.84 -26.12 0.86
N LEU B 130 3.80 -26.97 0.74
CA LEU B 130 2.62 -26.43 0.04
C LEU B 130 1.40 -26.31 0.96
N PRO B 131 0.51 -25.34 0.67
CA PRO B 131 0.48 -24.42 -0.48
C PRO B 131 1.29 -23.13 -0.30
N ILE B 132 1.51 -22.41 -1.39
CA ILE B 132 2.00 -21.04 -1.37
C ILE B 132 0.85 -20.15 -1.78
N ARG B 133 0.44 -19.25 -0.89
CA ARG B 133 -0.68 -18.36 -1.15
C ARG B 133 -0.23 -16.93 -0.88
N LEU B 134 0.22 -16.22 -1.93
CA LEU B 134 0.83 -14.92 -1.68
C LEU B 134 0.17 -13.85 -2.54
N ASN B 135 -0.02 -12.65 -1.97
CA ASN B 135 -0.67 -11.56 -2.68
C ASN B 135 0.24 -10.33 -2.65
N GLN B 136 0.19 -9.54 -3.73
CA GLN B 136 0.87 -8.25 -3.81
C GLN B 136 -0.13 -7.16 -4.15
N TRP B 137 -0.02 -6.05 -3.44
CA TRP B 137 -0.65 -4.80 -3.81
C TRP B 137 0.44 -3.94 -4.43
N ASN B 138 0.45 -3.81 -5.75
CA ASN B 138 1.56 -3.07 -6.33
C ASN B 138 1.12 -2.36 -7.60
N ASN B 139 2.09 -1.64 -8.15
CA ASN B 139 1.90 -0.87 -9.37
C ASN B 139 2.60 -1.61 -10.50
N VAL B 140 1.93 -1.70 -11.65
CA VAL B 140 2.60 -2.22 -12.82
C VAL B 140 2.38 -1.24 -13.96
N VAL B 141 3.26 -1.32 -14.96
CA VAL B 141 3.11 -0.50 -16.15
C VAL B 141 3.15 -1.41 -17.37
N ARG B 142 2.14 -1.26 -18.22
CA ARG B 142 2.07 -1.90 -19.54
C ARG B 142 1.86 -0.74 -20.48
N TRP B 143 2.85 -0.48 -21.31
CA TRP B 143 2.83 0.69 -22.16
C TRP B 143 1.87 0.49 -23.34
N GLU B 144 0.62 0.20 -22.98
CA GLU B 144 -0.44 -0.13 -23.92
C GLU B 144 -1.17 1.15 -24.29
N LYS B 146 -2.81 2.90 -26.46
CA LYS B 146 -3.86 3.31 -27.38
C LYS B 146 -4.15 4.77 -27.08
N HIS B 147 -5.43 5.14 -27.14
CA HIS B 147 -5.86 6.45 -26.64
C HIS B 147 -6.18 6.22 -25.18
N PRO B 148 -5.37 6.69 -24.25
CA PRO B 148 -5.52 6.29 -22.85
C PRO B 148 -6.64 7.05 -22.16
N GLN B 149 -7.14 6.45 -21.09
CA GLN B 149 -8.22 7.03 -20.31
C GLN B 149 -8.01 6.68 -18.85
N PRO B 150 -8.25 7.64 -17.95
CA PRO B 150 -7.76 7.53 -16.57
C PRO B 150 -7.98 6.23 -15.79
N PHE B 151 -9.12 5.57 -15.84
CA PHE B 151 -9.19 4.34 -15.06
C PHE B 151 -9.32 3.12 -15.94
N LEU B 152 -9.57 3.32 -17.22
CA LEU B 152 -9.87 2.27 -18.15
C LEU B 152 -8.67 1.92 -19.01
N ARG B 153 -7.95 2.93 -19.50
CA ARG B 153 -6.73 2.71 -20.28
C ARG B 153 -5.63 3.55 -19.66
N THR B 154 -4.92 2.97 -18.68
CA THR B 154 -3.77 3.61 -18.07
C THR B 154 -2.52 2.81 -18.34
N ARG B 155 -1.40 3.53 -18.53
CA ARG B 155 -0.13 2.85 -18.75
C ARG B 155 0.46 2.38 -17.42
N GLU B 156 0.43 3.22 -16.38
CA GLU B 156 0.73 2.76 -15.03
C GLU B 156 -0.58 2.63 -14.26
N PHE B 157 -0.73 1.52 -13.54
CA PHE B 157 -1.92 1.42 -12.72
C PHE B 157 -1.64 0.55 -11.50
N LEU B 158 -2.54 0.69 -10.54
CA LEU B 158 -2.52 -0.08 -9.31
C LEU B 158 -3.37 -1.32 -9.44
N TRP B 159 -2.93 -2.38 -8.81
CA TRP B 159 -3.79 -3.54 -8.69
C TRP B 159 -3.35 -4.36 -7.49
N GLN B 160 -3.89 -5.55 -7.45
CA GLN B 160 -3.41 -6.58 -6.61
C GLN B 160 -3.34 -7.78 -7.48
N GLU B 161 -2.23 -8.44 -7.46
CA GLU B 161 -1.99 -9.70 -8.14
C GLU B 161 -1.67 -10.76 -7.07
N GLY B 162 -2.48 -11.81 -7.00
CA GLY B 162 -2.29 -12.92 -6.09
C GLY B 162 -1.91 -14.17 -6.86
N HIS B 163 -0.93 -14.91 -6.34
CA HIS B 163 -0.33 -16.07 -6.99
C HIS B 163 -0.21 -17.21 -5.98
N THR B 164 -0.71 -18.37 -6.37
CA THR B 164 -0.91 -19.48 -5.44
C THR B 164 -0.55 -20.80 -6.12
N ALA B 165 -0.02 -21.73 -5.32
CA ALA B 165 0.44 -23.05 -5.78
C ALA B 165 0.02 -24.10 -4.75
N PHE B 166 -0.61 -25.16 -5.22
CA PHE B 166 -1.15 -26.22 -4.40
C PHE B 166 -0.65 -27.56 -4.92
N ALA B 167 -0.89 -28.60 -4.12
CA ALA B 167 -0.52 -29.94 -4.55
C ALA B 167 -1.58 -30.52 -5.50
N THR B 168 -2.87 -30.40 -5.15
CA THR B 168 -3.90 -30.94 -6.01
C THR B 168 -4.57 -29.83 -6.82
N GLN B 169 -5.10 -30.23 -7.98
CA GLN B 169 -5.89 -29.34 -8.80
C GLN B 169 -7.23 -28.98 -8.15
N LYS B 170 -7.73 -29.78 -7.22
CA LYS B 170 -9.01 -29.47 -6.61
C LYS B 170 -8.93 -28.21 -5.75
N GLU B 171 -7.92 -28.15 -4.87
CA GLU B 171 -7.66 -26.93 -4.13
C GLU B 171 -7.63 -25.73 -5.07
N ALA B 172 -6.85 -25.85 -6.15
CA ALA B 172 -6.64 -24.71 -7.03
C ALA B 172 -7.94 -24.27 -7.68
N ASP B 173 -8.72 -25.21 -8.22
CA ASP B 173 -10.01 -24.89 -8.82
C ASP B 173 -10.93 -24.20 -7.83
N GLU B 174 -11.08 -24.79 -6.64
CA GLU B 174 -12.04 -24.25 -5.68
C GLU B 174 -11.64 -22.84 -5.28
N GLU B 175 -10.34 -22.60 -5.14
CA GLU B 175 -9.87 -21.25 -4.87
C GLU B 175 -10.24 -20.29 -6.00
N VAL B 176 -10.01 -20.69 -7.26
CA VAL B 176 -10.36 -19.80 -8.38
C VAL B 176 -11.79 -19.31 -8.21
N LEU B 177 -12.68 -20.22 -7.85
CA LEU B 177 -14.08 -19.85 -7.71
C LEU B 177 -14.33 -18.96 -6.50
N THR B 178 -13.62 -19.23 -5.39
CA THR B 178 -13.80 -18.41 -4.20
C THR B 178 -13.37 -16.96 -4.44
N ILE B 179 -12.26 -16.78 -5.14
CA ILE B 179 -11.78 -15.43 -5.47
C ILE B 179 -12.71 -14.76 -6.46
N LEU B 180 -13.27 -15.52 -7.42
CA LEU B 180 -14.20 -14.89 -8.33
C LEU B 180 -15.47 -14.44 -7.59
N ASP B 181 -15.93 -15.26 -6.65
CA ASP B 181 -17.05 -14.87 -5.81
C ASP B 181 -16.73 -13.58 -5.07
N LEU B 182 -15.49 -13.44 -4.60
CA LEU B 182 -15.12 -12.22 -3.88
C LEU B 182 -15.11 -11.01 -4.80
N TYR B 183 -14.66 -11.19 -6.04
CA TYR B 183 -14.65 -10.08 -6.99
C TYR B 183 -16.07 -9.62 -7.30
N ALA B 184 -16.95 -10.59 -7.58
CA ALA B 184 -18.35 -10.26 -7.80
C ALA B 184 -18.91 -9.53 -6.58
N LYS B 185 -18.49 -9.93 -5.38
CA LYS B 185 -18.96 -9.24 -4.19
C LYS B 185 -18.38 -7.83 -4.11
N VAL B 186 -17.13 -7.65 -4.52
CA VAL B 186 -16.58 -6.30 -4.69
C VAL B 186 -17.49 -5.48 -5.60
N TYR B 187 -17.86 -6.06 -6.75
CA TYR B 187 -18.61 -5.29 -7.74
C TYR B 187 -20.04 -5.01 -7.29
N THR B 188 -20.71 -5.99 -6.70
CA THR B 188 -22.12 -5.83 -6.33
C THR B 188 -22.32 -5.21 -4.94
N ASP B 189 -21.63 -5.74 -3.93
CA ASP B 189 -21.89 -5.36 -2.55
C ASP B 189 -21.22 -4.06 -2.18
N LEU B 190 -20.07 -3.75 -2.79
CA LEU B 190 -19.35 -2.51 -2.55
C LEU B 190 -19.61 -1.45 -3.62
N LEU B 191 -19.57 -1.85 -4.88
CA LEU B 191 -19.76 -0.89 -5.96
C LEU B 191 -21.17 -0.89 -6.50
N ALA B 192 -22.03 -1.76 -5.97
CA ALA B 192 -23.45 -1.79 -6.33
C ALA B 192 -23.64 -1.92 -7.85
N ILE B 193 -22.75 -2.67 -8.48
CA ILE B 193 -22.78 -2.92 -9.92
C ILE B 193 -23.09 -4.39 -10.14
N PRO B 194 -24.08 -4.74 -10.93
CA PRO B 194 -24.30 -6.14 -11.25
C PRO B 194 -23.29 -6.64 -12.26
N VAL B 195 -22.99 -7.95 -12.20
CA VAL B 195 -22.04 -8.59 -13.09
C VAL B 195 -22.47 -10.03 -13.35
N VAL B 196 -21.88 -10.64 -14.38
CA VAL B 196 -22.11 -12.04 -14.72
C VAL B 196 -20.80 -12.80 -14.57
N LYS B 197 -20.84 -13.90 -13.82
CA LYS B 197 -19.68 -14.76 -13.64
C LYS B 197 -19.59 -15.76 -14.80
N GLY B 198 -18.38 -15.94 -15.32
CA GLY B 198 -18.29 -16.85 -16.44
C GLY B 198 -16.87 -17.27 -16.69
N ARG B 199 -16.72 -18.08 -17.73
CA ARG B 199 -15.45 -18.60 -18.20
C ARG B 199 -15.16 -17.97 -19.54
N LYS B 200 -13.96 -17.40 -19.70
CA LYS B 200 -13.56 -16.92 -21.01
C LYS B 200 -13.49 -18.07 -21.99
N THR B 201 -13.80 -17.79 -23.24
CA THR B 201 -13.58 -18.77 -24.27
C THR B 201 -12.08 -18.97 -24.45
N GLU B 202 -11.71 -20.03 -25.15
CA GLU B 202 -10.29 -20.30 -25.32
C GLU B 202 -9.59 -19.16 -26.04
N LYS B 203 -10.30 -18.40 -26.84
CA LYS B 203 -9.67 -17.26 -27.50
C LYS B 203 -9.31 -16.19 -26.48
N GLU B 204 -10.23 -15.84 -25.58
CA GLU B 204 -10.11 -14.69 -24.69
C GLU B 204 -9.49 -14.99 -23.33
N LYS B 205 -9.29 -16.25 -22.98
CA LYS B 205 -8.63 -16.65 -21.74
C LYS B 205 -7.17 -16.22 -21.71
N PHE B 206 -6.60 -16.14 -20.48
CA PHE B 206 -5.17 -15.97 -20.26
C PHE B 206 -4.39 -17.04 -20.97
N ALA B 207 -3.45 -16.61 -21.82
CA ALA B 207 -2.73 -17.52 -22.72
C ALA B 207 -1.99 -18.61 -21.95
N GLY B 208 -1.31 -18.25 -20.88
CA GLY B 208 -0.56 -19.28 -20.20
C GLY B 208 -1.37 -20.22 -19.33
N GLY B 209 -2.64 -19.92 -19.09
CA GLY B 209 -3.44 -20.72 -18.20
C GLY B 209 -4.16 -21.88 -18.87
N ASP B 210 -4.65 -22.78 -18.02
CA ASP B 210 -5.66 -23.76 -18.42
C ASP B 210 -6.97 -23.05 -18.76
N TYR B 211 -7.50 -22.26 -17.82
CA TYR B 211 -8.70 -21.49 -18.05
C TYR B 211 -8.65 -20.23 -17.20
N THR B 212 -9.62 -19.35 -17.48
CA THR B 212 -9.72 -18.02 -16.90
C THR B 212 -11.19 -17.77 -16.54
N THR B 213 -11.50 -17.56 -15.26
CA THR B 213 -12.86 -17.12 -14.92
C THR B 213 -12.87 -15.61 -14.81
N THR B 214 -14.07 -15.02 -14.86
CA THR B 214 -14.19 -13.58 -14.99
C THR B 214 -15.56 -13.12 -14.51
N VAL B 215 -15.64 -11.85 -14.13
CA VAL B 215 -16.91 -11.13 -13.97
C VAL B 215 -16.99 -10.04 -15.04
N GLU B 216 -18.14 -9.95 -15.71
CA GLU B 216 -18.34 -8.91 -16.71
C GLU B 216 -19.48 -7.99 -16.29
N ALA B 217 -19.30 -6.69 -16.56
CA ALA B 217 -20.28 -5.68 -16.25
C ALA B 217 -20.61 -4.88 -17.50
N TYR B 218 -21.73 -4.14 -17.44
CA TYR B 218 -22.28 -3.44 -18.61
C TYR B 218 -22.39 -1.95 -18.33
N ILE B 219 -21.84 -1.15 -19.24
CA ILE B 219 -22.01 0.30 -19.25
C ILE B 219 -23.02 0.62 -20.35
N SER B 220 -24.19 1.14 -19.96
CA SER B 220 -25.27 1.38 -20.91
C SER B 220 -25.08 2.62 -21.78
N ALA B 221 -24.46 3.67 -21.24
CA ALA B 221 -24.19 4.86 -22.02
C ALA B 221 -23.49 4.50 -23.33
N SER B 222 -22.42 3.72 -23.25
CA SER B 222 -21.73 3.17 -24.39
C SER B 222 -22.47 2.02 -25.07
N GLY B 223 -23.29 1.29 -24.34
CA GLY B 223 -23.82 0.04 -24.82
C GLY B 223 -22.80 -1.08 -24.75
N ARG B 224 -21.71 -0.91 -24.01
CA ARG B 224 -20.57 -1.80 -24.09
C ARG B 224 -20.28 -2.47 -22.75
N ALA B 225 -19.72 -3.66 -22.86
CA ALA B 225 -19.36 -4.50 -21.72
C ALA B 225 -17.87 -4.36 -21.39
N ILE B 226 -17.52 -4.67 -20.15
CA ILE B 226 -16.13 -4.56 -19.74
C ILE B 226 -15.88 -5.62 -18.68
N GLN B 227 -14.65 -6.16 -18.73
CA GLN B 227 -14.13 -7.16 -17.82
C GLN B 227 -13.71 -6.51 -16.50
N GLY B 228 -14.33 -6.92 -15.39
CA GLY B 228 -14.13 -6.25 -14.12
C GLY B 228 -13.01 -6.82 -13.28
N ALA B 229 -12.74 -8.12 -13.40
CA ALA B 229 -11.67 -8.79 -12.65
C ALA B 229 -11.44 -10.16 -13.27
N THR B 230 -10.35 -10.81 -12.88
CA THR B 230 -10.11 -12.17 -13.33
C THR B 230 -9.46 -13.04 -12.29
N SER B 231 -9.67 -14.33 -12.46
CA SER B 231 -9.17 -15.37 -11.56
C SER B 231 -8.86 -16.60 -12.42
N HIS B 232 -7.57 -16.88 -12.66
CA HIS B 232 -7.12 -17.89 -13.62
C HIS B 232 -6.75 -19.22 -12.97
N HIS B 233 -6.90 -20.31 -13.73
CA HIS B 233 -6.27 -21.57 -13.34
C HIS B 233 -5.14 -21.86 -14.32
N LEU B 234 -3.91 -21.67 -13.85
CA LEU B 234 -2.72 -21.95 -14.65
C LEU B 234 -2.42 -23.44 -14.72
N GLY B 235 -3.03 -24.24 -13.83
CA GLY B 235 -2.80 -25.67 -13.87
C GLY B 235 -1.36 -25.99 -13.60
N GLN B 236 -0.78 -26.83 -14.46
CA GLN B 236 0.61 -27.26 -14.34
C GLN B 236 1.50 -26.60 -15.39
N ASN B 237 0.98 -25.61 -16.12
CA ASN B 237 1.74 -25.00 -17.19
C ASN B 237 2.93 -24.21 -16.65
N PHE B 238 2.69 -23.35 -15.66
CA PHE B 238 3.78 -22.51 -15.17
C PHE B 238 4.73 -23.26 -14.25
N SER B 239 4.22 -24.21 -13.46
CA SER B 239 5.11 -25.08 -12.71
C SER B 239 6.11 -25.77 -13.65
N ARG B 240 5.62 -26.37 -14.73
CA ARG B 240 6.53 -27.04 -15.67
C ARG B 240 7.47 -26.04 -16.32
N MET B 241 7.00 -24.82 -16.62
CA MET B 241 7.89 -23.84 -17.20
C MET B 241 9.04 -23.49 -16.26
N PHE B 242 8.74 -23.26 -14.98
CA PHE B 242 9.73 -22.75 -14.04
C PHE B 242 10.21 -23.82 -13.07
N ASP B 243 9.91 -25.09 -13.34
CA ASP B 243 10.31 -26.22 -12.51
C ASP B 243 9.95 -26.00 -11.04
N ILE B 244 8.66 -25.79 -10.81
CA ILE B 244 8.13 -25.79 -9.46
C ILE B 244 7.60 -27.20 -9.25
N VAL B 245 8.40 -28.03 -8.60
CA VAL B 245 8.12 -29.45 -8.44
C VAL B 245 8.45 -29.87 -7.01
N TYR B 246 7.86 -30.97 -6.60
CA TYR B 246 8.14 -31.61 -5.33
C TYR B 246 8.36 -33.09 -5.57
N GLU B 247 9.05 -33.73 -4.62
CA GLU B 247 9.27 -35.16 -4.69
C GLU B 247 7.99 -35.87 -4.33
N HIS B 248 7.52 -36.76 -5.20
CA HIS B 248 6.36 -37.54 -4.81
C HIS B 248 6.79 -38.47 -3.69
N PRO B 249 6.08 -38.47 -2.56
CA PRO B 249 6.53 -39.31 -1.43
C PRO B 249 6.64 -40.78 -1.76
N GLU B 250 5.72 -41.29 -2.53
CA GLU B 250 5.75 -42.68 -2.81
C GLU B 250 6.83 -43.06 -3.78
N THR B 251 6.64 -42.74 -5.04
CA THR B 251 7.64 -43.07 -6.03
C THR B 251 8.11 -41.74 -6.30
N LYS B 252 9.38 -41.46 -6.22
CA LYS B 252 9.77 -40.07 -6.34
C LYS B 252 9.84 -39.42 -7.70
N GLU B 253 8.71 -39.36 -8.32
CA GLU B 253 8.50 -38.80 -9.58
C GLU B 253 8.35 -37.35 -9.31
N LYS B 254 9.04 -36.53 -10.08
CA LYS B 254 8.87 -35.10 -9.91
C LYS B 254 7.41 -34.76 -10.16
N GLU B 255 6.80 -34.03 -9.22
CA GLU B 255 5.40 -33.66 -9.30
C GLU B 255 5.33 -32.15 -9.46
N TYR B 256 4.54 -31.71 -10.41
CA TYR B 256 4.39 -30.29 -10.64
C TYR B 256 3.20 -29.79 -9.85
N VAL B 257 3.33 -28.57 -9.33
CA VAL B 257 2.27 -28.00 -8.54
C VAL B 257 1.19 -27.44 -9.47
N PHE B 258 0.03 -27.17 -8.88
CA PHE B 258 -1.07 -26.57 -9.61
C PHE B 258 -1.20 -25.13 -9.14
N GLN B 259 -1.16 -24.20 -10.09
CA GLN B 259 -1.10 -22.78 -9.81
C GLN B 259 -2.34 -22.05 -10.32
N ASN B 260 -2.71 -21.03 -9.54
CA ASN B 260 -3.69 -20.00 -9.89
C ASN B 260 -3.05 -18.62 -9.76
N SER B 261 -3.55 -17.67 -10.54
CA SER B 261 -3.30 -16.26 -10.27
C SER B 261 -4.59 -15.49 -10.51
N TRP B 262 -4.72 -14.37 -9.81
CA TRP B 262 -5.94 -13.58 -9.84
C TRP B 262 -5.56 -12.12 -9.61
N GLY B 263 -6.40 -11.22 -10.10
CA GLY B 263 -6.04 -9.82 -10.12
C GLY B 263 -7.26 -8.93 -10.13
N ILE B 264 -7.09 -7.74 -9.59
CA ILE B 264 -8.12 -6.71 -9.77
C ILE B 264 -7.45 -5.35 -9.70
N THR B 265 -7.91 -4.43 -10.54
CA THR B 265 -7.20 -3.18 -10.78
C THR B 265 -8.09 -1.97 -10.48
N THR B 266 -7.51 -0.78 -10.68
CA THR B 266 -8.28 0.43 -10.42
C THR B 266 -9.30 0.71 -11.51
N ARG B 267 -9.34 -0.12 -12.54
CA ARG B 267 -10.41 -0.05 -13.53
C ARG B 267 -11.79 -0.06 -12.88
N THR B 268 -11.95 -0.72 -11.73
CA THR B 268 -13.19 -0.67 -10.97
C THR B 268 -13.75 0.75 -10.90
N ILE B 269 -12.89 1.71 -10.52
CA ILE B 269 -13.38 3.07 -10.34
C ILE B 269 -13.96 3.61 -11.64
N GLY B 270 -13.24 3.39 -12.74
CA GLY B 270 -13.77 3.79 -14.03
C GLY B 270 -15.12 3.15 -14.32
N VAL B 271 -15.20 1.83 -14.12
CA VAL B 271 -16.48 1.15 -14.24
C VAL B 271 -17.52 1.83 -13.36
N MET B 272 -17.19 2.05 -12.10
CA MET B 272 -18.17 2.68 -11.24
C MET B 272 -18.53 4.04 -11.67
N ILE B 273 -17.62 4.83 -12.18
CA ILE B 273 -18.02 6.11 -12.77
C ILE B 273 -19.03 5.87 -13.86
N MET B 274 -18.62 5.12 -14.88
CA MET B 274 -19.46 4.98 -16.06
C MET B 274 -20.77 4.32 -15.72
N VAL B 275 -20.83 3.52 -14.65
CA VAL B 275 -22.12 2.87 -14.45
C VAL B 275 -23.07 3.81 -13.75
N HIS B 276 -22.56 4.58 -12.79
CA HIS B 276 -23.39 5.25 -11.79
C HIS B 276 -23.39 6.75 -11.89
N ALA B 277 -22.38 7.37 -12.50
CA ALA B 277 -22.27 8.81 -12.49
C ALA B 277 -23.31 9.42 -13.42
N ASP B 278 -23.99 10.47 -12.95
CA ASP B 278 -25.04 11.07 -13.76
C ASP B 278 -24.57 12.40 -14.35
N ASN B 279 -25.52 13.25 -14.72
CA ASN B 279 -25.17 14.51 -15.35
C ASN B 279 -24.85 15.62 -14.35
N GLN B 280 -24.85 15.31 -13.06
CA GLN B 280 -24.41 16.27 -12.07
C GLN B 280 -23.05 15.90 -11.47
N GLY B 281 -22.47 14.78 -11.89
CA GLY B 281 -21.15 14.37 -11.43
C GLY B 281 -21.14 12.93 -10.92
N LEU B 282 -20.24 12.66 -9.96
CA LEU B 282 -20.17 11.33 -9.38
C LEU B 282 -21.36 11.07 -8.46
N VAL B 283 -21.70 9.80 -8.31
CA VAL B 283 -22.54 9.38 -7.18
C VAL B 283 -21.95 8.07 -6.71
N LEU B 284 -21.33 8.11 -5.53
CA LEU B 284 -20.52 7.06 -4.98
C LEU B 284 -21.37 6.04 -4.26
N PRO B 285 -21.18 4.74 -4.50
CA PRO B 285 -21.82 3.72 -3.68
C PRO B 285 -21.50 3.93 -2.21
N PRO B 286 -22.51 3.88 -1.33
CA PRO B 286 -22.25 4.17 0.09
C PRO B 286 -21.07 3.42 0.68
N ARG B 287 -20.83 2.17 0.27
CA ARG B 287 -19.83 1.36 0.94
C ARG B 287 -18.39 1.69 0.54
N VAL B 288 -18.18 2.51 -0.48
CA VAL B 288 -16.85 2.98 -0.83
C VAL B 288 -16.68 4.49 -0.67
N ALA B 289 -17.74 5.23 -0.37
CA ALA B 289 -17.59 6.68 -0.30
C ALA B 289 -16.80 7.07 0.94
N CYS B 290 -15.69 7.81 0.74
CA CYS B 290 -14.88 8.30 1.86
C CYS B 290 -15.76 9.02 2.88
N ILE B 291 -16.60 9.95 2.41
CA ILE B 291 -17.60 10.60 3.23
C ILE B 291 -18.96 10.11 2.77
N GLN B 292 -19.70 9.47 3.67
CA GLN B 292 -21.02 9.01 3.30
C GLN B 292 -22.03 10.14 3.40
N VAL B 293 -21.86 10.99 4.41
CA VAL B 293 -22.76 12.10 4.72
C VAL B 293 -21.91 13.35 4.92
N VAL B 294 -22.28 14.45 4.25
CA VAL B 294 -21.63 15.74 4.53
C VAL B 294 -22.67 16.73 5.05
N ILE B 295 -22.33 17.41 6.16
CA ILE B 295 -23.23 18.35 6.84
C ILE B 295 -22.93 19.75 6.32
N VAL B 296 -23.87 20.37 5.62
CA VAL B 296 -23.69 21.76 5.22
C VAL B 296 -24.56 22.61 6.15
N PRO B 297 -23.98 23.46 6.99
CA PRO B 297 -24.79 24.39 7.79
C PRO B 297 -25.34 25.47 6.87
N CYS B 298 -26.64 25.74 6.99
CA CYS B 298 -27.35 26.66 6.10
C CYS B 298 -27.78 27.91 6.87
N GLY B 299 -28.05 28.95 6.11
CA GLY B 299 -28.63 30.11 6.72
C GLY B 299 -27.65 31.04 7.36
N ILE B 300 -26.34 30.86 7.17
CA ILE B 300 -25.45 31.87 7.72
C ILE B 300 -25.72 33.12 6.90
N THR B 301 -26.32 34.12 7.53
CA THR B 301 -26.89 35.25 6.82
C THR B 301 -25.93 36.43 6.74
N ALA B 302 -24.66 36.13 6.45
CA ALA B 302 -23.63 37.12 6.14
C ALA B 302 -23.69 38.31 7.10
N THR B 303 -23.18 38.12 8.32
CA THR B 303 -23.16 39.15 9.35
C THR B 303 -24.56 39.68 9.69
N THR B 304 -25.62 38.93 9.41
CA THR B 304 -26.87 39.17 10.13
C THR B 304 -26.71 38.85 11.59
N THR B 305 -25.83 37.90 11.92
CA THR B 305 -25.57 37.48 13.29
C THR B 305 -24.22 36.78 13.29
N ASP B 306 -23.49 36.88 14.43
CA ASP B 306 -22.13 36.33 14.59
C ASP B 306 -22.00 35.31 15.70
N ASP B 307 -22.69 35.50 16.83
CA ASP B 307 -22.53 34.55 17.92
C ASP B 307 -23.12 33.21 17.52
N GLU B 308 -24.27 33.23 16.87
CA GLU B 308 -24.88 32.05 16.28
C GLU B 308 -23.97 31.26 15.35
N ARG B 309 -22.97 31.89 14.72
CA ARG B 309 -22.09 31.14 13.81
C ARG B 309 -21.47 29.95 14.51
N ARG B 310 -20.93 30.19 15.72
CA ARG B 310 -20.36 29.10 16.48
C ARG B 310 -21.44 28.14 16.98
N ARG B 311 -22.60 28.67 17.38
CA ARG B 311 -23.67 27.81 17.90
C ARG B 311 -24.12 26.78 16.86
N LEU B 312 -24.36 27.24 15.63
CA LEU B 312 -24.77 26.35 14.54
C LEU B 312 -23.67 25.38 14.16
N TYR B 313 -22.45 25.91 13.96
CA TYR B 313 -21.31 25.04 13.70
C TYR B 313 -21.19 23.95 14.77
N GLU B 314 -21.54 24.29 16.01
CA GLU B 314 -21.40 23.36 17.13
C GLU B 314 -22.47 22.28 17.10
N SER B 315 -23.72 22.66 16.81
CA SER B 315 -24.75 21.62 16.70
C SER B 315 -24.45 20.69 15.53
N CYS B 316 -23.88 21.24 14.46
CA CYS B 316 -23.46 20.41 13.34
C CYS B 316 -22.34 19.47 13.77
N ARG B 317 -21.44 19.94 14.66
CA ARG B 317 -20.36 19.10 15.13
C ARG B 317 -20.85 17.96 16.02
N GLU B 318 -21.89 18.18 16.82
CA GLU B 318 -22.36 17.04 17.60
C GLU B 318 -23.12 16.06 16.72
N LEU B 319 -23.83 16.53 15.69
CA LEU B 319 -24.44 15.57 14.78
C LEU B 319 -23.38 14.76 14.04
N GLU B 320 -22.35 15.42 13.52
CA GLU B 320 -21.26 14.69 12.86
C GLU B 320 -20.59 13.73 13.82
N GLN B 321 -20.44 14.14 15.09
CA GLN B 321 -19.75 13.28 16.06
C GLN B 321 -20.59 12.04 16.37
N THR B 322 -21.91 12.21 16.49
CA THR B 322 -22.72 11.03 16.75
C THR B 322 -22.88 10.16 15.51
N PHE B 323 -22.69 10.73 14.31
CA PHE B 323 -22.66 9.87 13.13
C PHE B 323 -21.37 9.07 13.08
N VAL B 324 -20.23 9.72 13.37
CA VAL B 324 -18.98 8.98 13.40
C VAL B 324 -19.07 7.86 14.42
N LYS B 325 -19.46 8.20 15.66
CA LYS B 325 -19.56 7.21 16.72
C LYS B 325 -20.64 6.16 16.46
N ALA B 326 -21.61 6.46 15.59
CA ALA B 326 -22.55 5.44 15.11
C ALA B 326 -21.97 4.60 13.98
N GLY B 327 -20.71 4.80 13.61
CA GLY B 327 -20.14 4.06 12.52
C GLY B 327 -20.44 4.62 11.13
N ILE B 328 -21.11 5.78 11.06
CA ILE B 328 -21.39 6.43 9.77
C ILE B 328 -20.25 7.39 9.48
N ARG B 329 -19.72 7.31 8.26
CA ARG B 329 -18.61 8.18 7.87
C ARG B 329 -19.19 9.56 7.51
N CYS B 330 -19.20 10.46 8.49
CA CYS B 330 -19.75 11.80 8.31
C CYS B 330 -18.71 12.87 8.57
N GLU B 331 -18.58 13.82 7.65
CA GLU B 331 -17.79 15.02 7.86
C GLU B 331 -18.73 16.22 7.63
N GLY B 332 -18.50 17.32 8.34
CA GLY B 332 -19.29 18.53 8.19
C GLY B 332 -18.44 19.61 7.53
N ASP B 333 -19.08 20.51 6.80
CA ASP B 333 -18.38 21.57 6.07
C ASP B 333 -18.63 22.90 6.78
N TYR B 334 -17.66 23.32 7.59
CA TYR B 334 -17.77 24.55 8.36
C TYR B 334 -16.90 25.66 7.82
N ARG B 335 -16.55 25.61 6.54
CA ARG B 335 -15.70 26.65 5.97
C ARG B 335 -16.51 27.92 5.76
N ASP B 336 -15.94 29.04 6.19
CA ASP B 336 -16.70 30.28 6.23
C ASP B 336 -16.66 31.04 4.92
N ASN B 337 -15.68 30.75 4.06
CA ASN B 337 -15.42 31.48 2.84
C ASN B 337 -16.05 30.83 1.62
N TYR B 338 -17.21 30.18 1.78
CA TYR B 338 -17.93 29.55 0.68
C TYR B 338 -19.43 29.71 0.87
N SER B 339 -20.14 30.03 -0.20
CA SER B 339 -21.58 30.09 -0.12
C SER B 339 -22.15 28.70 0.17
N PRO B 340 -23.25 28.62 0.92
CA PRO B 340 -23.92 27.32 1.10
C PRO B 340 -24.20 26.58 -0.21
N GLY B 341 -24.72 27.27 -1.22
CA GLY B 341 -25.00 26.62 -2.49
C GLY B 341 -23.74 26.11 -3.16
N TRP B 342 -22.66 26.87 -3.05
CA TRP B 342 -21.35 26.38 -3.48
C TRP B 342 -21.03 25.03 -2.86
N LYS B 343 -21.31 24.88 -1.56
CA LYS B 343 -21.03 23.60 -0.91
C LYS B 343 -21.98 22.50 -1.41
N TYR B 344 -23.26 22.83 -1.59
CA TYR B 344 -24.19 21.85 -2.16
C TYR B 344 -23.65 21.29 -3.47
N ASN B 345 -23.27 22.18 -4.38
CA ASN B 345 -22.79 21.75 -5.70
C ASN B 345 -21.49 20.98 -5.59
N HIS B 346 -20.59 21.41 -4.71
CA HIS B 346 -19.32 20.74 -4.53
C HIS B 346 -19.51 19.28 -4.15
N TRP B 347 -20.29 19.04 -3.09
CA TRP B 347 -20.48 17.67 -2.63
C TRP B 347 -21.42 16.89 -3.54
N GLU B 348 -22.23 17.56 -4.36
CA GLU B 348 -22.91 16.86 -5.45
C GLU B 348 -21.93 16.34 -6.49
N LEU B 349 -21.05 17.21 -6.98
CA LEU B 349 -19.99 16.82 -7.92
C LEU B 349 -19.11 15.68 -7.39
N LYS B 350 -18.74 15.74 -6.11
CA LYS B 350 -17.87 14.72 -5.53
C LYS B 350 -18.61 13.43 -5.19
N GLY B 351 -19.94 13.45 -5.23
CA GLY B 351 -20.72 12.24 -5.13
C GLY B 351 -21.08 11.78 -3.74
N VAL B 352 -21.14 12.67 -2.76
CA VAL B 352 -21.40 12.26 -1.39
C VAL B 352 -22.84 11.77 -1.31
N PRO B 353 -23.04 10.52 -0.88
CA PRO B 353 -24.39 9.92 -0.90
C PRO B 353 -25.50 10.75 -0.26
N VAL B 354 -25.22 11.48 0.82
CA VAL B 354 -26.24 12.25 1.53
C VAL B 354 -25.69 13.62 1.85
N ARG B 355 -26.51 14.65 1.59
CA ARG B 355 -26.23 15.99 2.07
C ARG B 355 -27.18 16.29 3.20
N ILE B 356 -26.67 16.86 4.30
CA ILE B 356 -27.51 17.32 5.39
C ILE B 356 -27.51 18.83 5.34
N GLU B 357 -28.69 19.39 5.06
CA GLU B 357 -28.98 20.81 5.22
C GLU B 357 -29.52 21.02 6.64
N LEU B 358 -28.77 21.78 7.43
CA LEU B 358 -29.07 22.06 8.83
C LEU B 358 -29.00 23.56 9.05
N GLY B 359 -30.15 24.19 9.25
CA GLY B 359 -30.24 25.60 9.54
C GLY B 359 -30.74 25.89 10.95
N PHE B 360 -31.09 27.15 11.16
CA PHE B 360 -31.52 27.57 12.50
C PHE B 360 -32.89 27.03 12.84
N LYS B 361 -33.84 27.14 11.92
CA LYS B 361 -35.14 26.51 12.15
C LYS B 361 -34.99 25.00 12.32
N ASP B 362 -33.97 24.42 11.70
CA ASP B 362 -33.76 22.99 11.87
C ASP B 362 -33.27 22.69 13.29
N LEU B 363 -32.30 23.47 13.78
CA LEU B 363 -31.77 23.22 15.11
C LEU B 363 -32.79 23.54 16.20
N GLN B 364 -33.72 24.45 15.92
CA GLN B 364 -34.76 24.82 16.88
C GLN B 364 -35.90 23.79 16.93
N ASN B 365 -36.15 23.06 15.84
CA ASN B 365 -37.10 21.96 15.81
C ASN B 365 -36.45 20.59 15.99
N ASP B 366 -35.17 20.55 16.33
CA ASP B 366 -34.46 19.32 16.64
C ASP B 366 -34.57 18.31 15.50
N GLN B 367 -34.04 18.69 14.35
CA GLN B 367 -34.06 17.86 13.18
C GLN B 367 -33.06 18.37 12.15
N PHE B 368 -33.14 17.82 10.95
CA PHE B 368 -32.28 18.22 9.84
C PHE B 368 -32.92 17.65 8.60
N VAL B 369 -32.53 18.13 7.42
CA VAL B 369 -33.03 17.51 6.20
C VAL B 369 -31.85 16.84 5.54
N ALA B 370 -32.01 15.56 5.21
CA ALA B 370 -31.01 14.81 4.47
C ALA B 370 -31.58 14.54 3.08
N VAL B 371 -30.75 14.76 2.07
CA VAL B 371 -31.18 14.71 0.69
C VAL B 371 -30.22 13.78 -0.06
N ARG B 372 -30.81 12.85 -0.82
CA ARG B 372 -30.07 11.75 -1.43
C ARG B 372 -29.37 12.25 -2.69
N ARG B 373 -28.10 11.87 -2.85
CA ARG B 373 -27.39 12.28 -4.06
C ARG B 373 -27.95 11.61 -5.30
N ASP B 374 -28.48 10.40 -5.18
CA ASP B 374 -29.01 9.73 -6.36
C ASP B 374 -30.40 10.26 -6.73
N ASN B 375 -31.26 10.41 -5.73
CA ASN B 375 -32.66 10.75 -5.95
C ASN B 375 -32.87 12.24 -6.09
N GLY B 376 -32.13 13.04 -5.34
CA GLY B 376 -32.61 14.36 -5.05
C GLY B 376 -33.71 14.35 -4.01
N ALA B 377 -34.19 13.18 -3.60
CA ALA B 377 -35.23 13.06 -2.59
C ALA B 377 -34.77 13.63 -1.24
N LYS B 378 -35.66 14.42 -0.64
CA LYS B 378 -35.46 15.13 0.62
C LYS B 378 -36.26 14.42 1.69
N GLN B 379 -35.65 14.23 2.85
CA GLN B 379 -36.30 13.56 3.96
C GLN B 379 -35.82 14.24 5.24
N THR B 380 -36.75 14.71 6.06
CA THR B 380 -36.42 15.39 7.30
C THR B 380 -36.38 14.41 8.45
N ILE B 381 -35.27 14.37 9.17
CA ILE B 381 -35.06 13.42 10.26
C ILE B 381 -34.95 14.17 11.57
N LYS B 382 -35.72 13.72 12.57
CA LYS B 382 -35.56 14.19 13.93
C LYS B 382 -34.25 13.67 14.51
N ARG B 383 -33.49 14.55 15.19
CA ARG B 383 -32.16 14.18 15.69
C ARG B 383 -32.23 12.91 16.52
N ALA B 384 -33.32 12.73 17.27
CA ALA B 384 -33.49 11.54 18.10
C ALA B 384 -33.31 10.26 17.31
N GLN B 385 -34.01 10.14 16.18
CA GLN B 385 -33.93 8.97 15.32
C GLN B 385 -32.70 8.95 14.40
N ALA B 386 -31.81 9.94 14.48
CA ALA B 386 -30.74 10.06 13.51
C ALA B 386 -29.93 8.77 13.37
N THR B 387 -29.26 8.35 14.45
CA THR B 387 -28.38 7.17 14.37
C THR B 387 -29.10 5.96 13.82
N VAL B 388 -30.42 5.92 13.85
CA VAL B 388 -31.15 4.74 13.43
C VAL B 388 -31.68 4.86 12.00
N GLU B 389 -32.06 6.07 11.57
CA GLU B 389 -32.56 6.14 10.21
C GLU B 389 -31.44 6.26 9.21
N MET B 390 -30.34 6.91 9.59
CA MET B 390 -29.28 7.16 8.64
C MET B 390 -28.62 5.89 8.12
N PRO B 391 -28.46 4.81 8.92
CA PRO B 391 -27.91 3.57 8.34
C PRO B 391 -28.88 2.99 7.33
N LYS B 392 -30.14 2.82 7.75
CA LYS B 392 -31.19 2.40 6.84
C LYS B 392 -31.08 3.18 5.53
N LEU B 393 -31.05 4.51 5.63
CA LEU B 393 -30.99 5.36 4.44
C LEU B 393 -29.89 4.90 3.49
N LEU B 394 -28.66 4.74 4.02
CA LEU B 394 -27.54 4.38 3.17
C LEU B 394 -27.69 2.96 2.63
N GLU B 395 -28.16 2.02 3.46
CA GLU B 395 -28.59 0.73 2.92
C GLU B 395 -29.53 0.97 1.74
N THR B 396 -30.62 1.70 2.00
CA THR B 396 -31.60 2.01 0.96
C THR B 396 -30.96 2.55 -0.31
N ILE B 397 -29.94 3.40 -0.16
CA ILE B 397 -29.34 4.01 -1.35
C ILE B 397 -28.68 2.94 -2.20
N HIS B 398 -27.86 2.09 -1.56
CA HIS B 398 -27.13 1.05 -2.28
C HIS B 398 -28.08 0.20 -3.11
N THR B 399 -29.11 -0.36 -2.45
CA THR B 399 -30.08 -1.19 -3.15
C THR B 399 -30.63 -0.46 -4.38
N SER B 400 -31.00 0.82 -4.23
CA SER B 400 -31.64 1.50 -5.34
C SER B 400 -30.65 1.67 -6.48
N MET B 401 -29.40 1.96 -6.16
CA MET B 401 -28.35 1.98 -7.17
C MET B 401 -28.19 0.62 -7.84
N TYR B 402 -28.07 -0.45 -7.04
CA TYR B 402 -27.76 -1.76 -7.64
C TYR B 402 -28.89 -2.19 -8.56
N GLU B 403 -30.11 -2.15 -8.03
CA GLU B 403 -31.27 -2.58 -8.79
C GLU B 403 -31.44 -1.70 -10.03
N ARG B 404 -31.08 -0.46 -9.94
CA ARG B 404 -31.12 0.41 -11.07
C ARG B 404 -30.22 -0.12 -12.17
N ALA B 405 -28.98 -0.36 -11.86
CA ALA B 405 -28.04 -0.93 -12.80
C ALA B 405 -28.49 -2.30 -13.25
N GLU B 406 -29.04 -3.10 -12.32
CA GLU B 406 -29.50 -4.42 -12.69
C GLU B 406 -30.61 -4.31 -13.72
N ARG B 407 -31.59 -3.45 -13.43
CA ARG B 407 -32.69 -3.23 -14.37
C ARG B 407 -32.13 -2.94 -15.73
N ASP B 408 -31.21 -1.98 -15.78
CA ASP B 408 -30.67 -1.54 -17.05
C ASP B 408 -30.05 -2.72 -17.80
N LEU B 409 -29.16 -3.44 -17.11
CA LEU B 409 -28.45 -4.54 -17.74
C LEU B 409 -29.39 -5.63 -18.20
N GLN B 410 -30.39 -5.96 -17.39
CA GLN B 410 -31.19 -7.07 -17.88
C GLN B 410 -32.18 -6.63 -18.94
N SER B 411 -32.51 -5.34 -18.99
CA SER B 411 -33.23 -4.92 -20.17
C SER B 411 -32.35 -4.96 -21.42
N HIS B 412 -31.06 -5.25 -21.27
CA HIS B 412 -30.21 -5.27 -22.43
C HIS B 412 -29.38 -6.47 -22.71
N THR B 413 -29.83 -7.58 -22.22
CA THR B 413 -29.17 -8.85 -22.55
C THR B 413 -30.22 -9.68 -23.28
N LYS B 414 -29.97 -9.96 -24.56
CA LYS B 414 -30.92 -10.61 -25.43
C LYS B 414 -30.43 -12.00 -25.79
N LEU B 415 -31.36 -12.94 -25.89
CA LEU B 415 -31.07 -14.32 -26.25
C LEU B 415 -31.51 -14.58 -27.68
N THR B 416 -30.67 -15.28 -28.42
CA THR B 416 -31.04 -15.72 -29.75
C THR B 416 -30.31 -17.01 -30.09
N LYS B 417 -30.80 -17.69 -31.10
CA LYS B 417 -30.03 -18.71 -31.80
C LYS B 417 -29.77 -18.31 -33.25
N GLN B 418 -30.28 -17.16 -33.69
CA GLN B 418 -30.20 -16.74 -35.09
C GLN B 418 -29.33 -15.50 -35.27
N TRP B 419 -28.46 -15.58 -36.28
CA TRP B 419 -27.41 -14.60 -36.49
C TRP B 419 -27.98 -13.23 -36.88
N ALA B 420 -29.12 -13.22 -37.58
CA ALA B 420 -29.69 -11.95 -38.04
C ALA B 420 -30.15 -11.09 -36.87
N GLU B 421 -30.91 -11.67 -35.93
CA GLU B 421 -31.27 -10.88 -34.76
C GLU B 421 -30.07 -10.68 -33.85
N PHE B 422 -29.08 -11.59 -33.85
CA PHE B 422 -27.84 -11.35 -33.12
C PHE B 422 -27.23 -10.02 -33.57
N LEU B 423 -27.24 -9.79 -34.90
CA LEU B 423 -26.56 -8.66 -35.51
C LEU B 423 -27.43 -7.41 -35.42
N GLN B 424 -28.76 -7.58 -35.39
CA GLN B 424 -29.67 -6.49 -35.08
C GLN B 424 -29.55 -6.01 -33.63
N PHE B 425 -29.71 -6.92 -32.66
CA PHE B 425 -29.43 -6.58 -31.26
C PHE B 425 -28.10 -5.88 -31.13
N LEU B 426 -27.08 -6.36 -31.86
CA LEU B 426 -25.77 -5.75 -31.73
C LEU B 426 -25.80 -4.31 -32.23
N GLU B 427 -26.65 -4.01 -33.21
CA GLU B 427 -26.85 -2.61 -33.60
C GLU B 427 -27.59 -1.80 -32.52
N THR B 428 -28.58 -2.41 -31.82
CA THR B 428 -29.38 -1.72 -30.80
C THR B 428 -28.68 -1.52 -29.40
N LYS B 429 -27.35 -1.66 -29.29
CA LYS B 429 -26.58 -1.29 -28.09
C LYS B 429 -26.82 -2.23 -26.88
N ASN B 430 -26.79 -3.54 -27.14
CA ASN B 430 -26.90 -4.46 -26.00
C ASN B 430 -26.15 -5.77 -26.27
N ILE B 431 -26.13 -6.65 -25.26
CA ILE B 431 -25.26 -7.83 -25.31
C ILE B 431 -26.11 -9.09 -25.41
N ILE B 432 -25.56 -10.10 -26.08
CA ILE B 432 -26.33 -11.19 -26.69
C ILE B 432 -25.80 -12.55 -26.23
N MET B 433 -26.67 -13.36 -25.65
CA MET B 433 -26.36 -14.75 -25.40
C MET B 433 -26.74 -15.59 -26.62
N ALA B 434 -25.78 -16.30 -27.19
CA ALA B 434 -25.95 -17.06 -28.41
C ALA B 434 -25.25 -18.40 -28.30
N PRO B 435 -25.71 -19.41 -29.04
CA PRO B 435 -25.05 -20.73 -29.03
C PRO B 435 -23.76 -20.72 -29.84
N PHE B 436 -22.67 -21.22 -29.24
CA PHE B 436 -21.33 -21.06 -29.78
C PHE B 436 -20.58 -22.38 -29.75
N CYS B 437 -19.86 -22.63 -30.84
CA CYS B 437 -19.02 -23.81 -30.93
C CYS B 437 -17.82 -23.77 -29.99
N GLY B 438 -17.32 -22.60 -29.64
CA GLY B 438 -16.13 -22.53 -28.82
C GLY B 438 -14.81 -22.46 -29.56
N GLU B 439 -14.83 -22.63 -30.86
CA GLU B 439 -13.59 -22.62 -31.60
C GLU B 439 -13.06 -21.19 -31.75
N ILE B 440 -11.74 -21.10 -31.92
CA ILE B 440 -11.09 -19.82 -32.07
C ILE B 440 -11.38 -19.25 -33.45
N SER B 441 -11.18 -20.06 -34.48
CA SER B 441 -11.57 -19.72 -35.87
C SER B 441 -12.92 -19.03 -35.93
N CYS B 442 -13.94 -19.63 -35.28
CA CYS B 442 -15.30 -19.15 -35.42
C CYS B 442 -15.53 -17.87 -34.63
N GLU B 443 -14.88 -17.74 -33.48
CA GLU B 443 -14.94 -16.50 -32.70
C GLU B 443 -14.36 -15.35 -33.52
N ASP B 444 -13.24 -15.61 -34.20
CA ASP B 444 -12.62 -14.60 -35.04
C ASP B 444 -13.57 -14.18 -36.15
N ARG B 445 -14.21 -15.15 -36.80
CA ARG B 445 -15.18 -14.80 -37.86
C ARG B 445 -16.37 -14.01 -37.29
N ILE B 446 -16.83 -14.34 -36.07
CA ILE B 446 -17.93 -13.62 -35.45
C ILE B 446 -17.58 -12.15 -35.25
N LYS B 447 -16.40 -11.90 -34.67
CA LYS B 447 -16.02 -10.51 -34.50
C LYS B 447 -15.89 -9.81 -35.86
N ALA B 448 -15.23 -10.46 -36.82
CA ALA B 448 -14.98 -9.81 -38.10
C ALA B 448 -16.27 -9.45 -38.83
N GLU B 449 -17.23 -10.37 -38.87
CA GLU B 449 -18.47 -10.15 -39.58
C GLU B 449 -19.53 -9.49 -38.71
N SER B 450 -19.17 -9.04 -37.51
CA SER B 450 -20.06 -8.23 -36.68
C SER B 450 -19.67 -6.77 -36.60
N ALA B 451 -18.73 -6.30 -37.43
CA ALA B 451 -18.24 -4.94 -37.32
C ALA B 451 -19.26 -3.91 -37.78
N GLY B 465 -17.29 -4.02 -33.77
CA GLY B 465 -17.10 -5.46 -33.86
C GLY B 465 -17.46 -6.12 -32.53
N ALA B 466 -17.76 -7.42 -32.51
CA ALA B 466 -18.27 -8.07 -31.29
C ALA B 466 -17.38 -9.22 -30.86
N LYS B 467 -16.93 -9.20 -29.60
CA LYS B 467 -16.15 -10.29 -29.03
C LYS B 467 -17.01 -11.09 -28.06
N SER B 468 -16.58 -12.33 -27.80
CA SER B 468 -17.06 -13.06 -26.64
C SER B 468 -16.74 -12.28 -25.38
N LEU B 469 -17.64 -12.35 -24.41
CA LEU B 469 -17.40 -11.79 -23.06
C LEU B 469 -17.14 -12.89 -22.04
N CYS B 470 -18.12 -13.76 -21.79
CA CYS B 470 -17.87 -14.98 -21.03
C CYS B 470 -18.86 -16.07 -21.43
N ILE B 471 -18.51 -17.31 -21.10
CA ILE B 471 -19.47 -18.41 -21.13
C ILE B 471 -20.12 -18.47 -19.75
N PRO B 472 -21.34 -17.96 -19.58
CA PRO B 472 -21.87 -17.74 -18.23
C PRO B 472 -22.03 -19.03 -17.45
N PHE B 473 -21.73 -18.97 -16.14
CA PHE B 473 -21.97 -20.11 -15.28
C PHE B 473 -23.46 -20.44 -15.23
N GLU B 474 -24.28 -19.43 -14.99
CA GLU B 474 -25.72 -19.55 -15.09
C GLU B 474 -26.06 -19.52 -16.58
N GLN B 475 -26.34 -20.71 -17.17
CA GLN B 475 -26.61 -20.69 -18.60
C GLN B 475 -28.07 -20.35 -18.90
N PRO B 476 -28.35 -19.60 -19.98
CA PRO B 476 -29.74 -19.41 -20.44
C PRO B 476 -30.22 -20.61 -21.23
N ALA B 477 -30.92 -21.57 -20.59
CA ALA B 477 -31.37 -22.82 -21.21
C ALA B 477 -30.22 -23.80 -21.47
N LYS B 478 -30.52 -25.09 -21.59
CA LYS B 478 -29.51 -26.14 -21.78
C LYS B 478 -29.40 -26.56 -23.25
N ILE B 479 -28.16 -26.68 -23.72
CA ILE B 479 -27.88 -26.94 -25.12
C ILE B 479 -28.25 -28.39 -25.47
N ASP B 480 -29.12 -28.56 -26.49
CA ASP B 480 -29.51 -29.88 -26.96
C ASP B 480 -28.77 -30.20 -28.25
N PRO B 481 -27.69 -31.01 -28.21
CA PRO B 481 -26.82 -31.16 -29.39
C PRO B 481 -27.52 -31.74 -30.60
N LYS B 482 -28.70 -32.33 -30.43
CA LYS B 482 -29.43 -32.84 -31.59
C LYS B 482 -29.82 -31.72 -32.54
N VAL B 483 -29.81 -30.46 -32.09
CA VAL B 483 -30.28 -29.39 -32.95
C VAL B 483 -29.36 -28.17 -32.88
N ASP B 484 -29.00 -27.73 -31.67
CA ASP B 484 -28.30 -26.46 -31.51
C ASP B 484 -26.96 -26.44 -32.25
N LYS B 485 -26.78 -25.43 -33.11
CA LYS B 485 -25.55 -25.21 -33.84
C LYS B 485 -25.04 -23.80 -33.57
N CYS B 486 -23.73 -23.63 -33.64
CA CYS B 486 -23.15 -22.33 -33.39
C CYS B 486 -23.74 -21.29 -34.32
N VAL B 487 -24.04 -20.12 -33.75
CA VAL B 487 -24.85 -19.10 -34.41
C VAL B 487 -24.16 -18.55 -35.65
N HIS B 488 -22.85 -18.71 -35.79
CA HIS B 488 -22.24 -18.19 -37.01
C HIS B 488 -22.50 -19.13 -38.17
N PRO B 489 -23.05 -18.62 -39.27
CA PRO B 489 -23.43 -19.51 -40.37
C PRO B 489 -22.26 -20.20 -41.08
N ALA B 490 -21.03 -19.73 -40.91
CA ALA B 490 -19.90 -20.37 -41.59
C ALA B 490 -19.38 -21.59 -40.84
N CYS B 491 -19.45 -21.61 -39.50
CA CYS B 491 -19.17 -22.84 -38.75
C CYS B 491 -20.50 -23.55 -38.51
N GLY B 492 -20.51 -24.84 -38.80
CA GLY B 492 -21.71 -25.64 -38.66
C GLY B 492 -21.57 -26.59 -37.50
N ARG B 493 -20.58 -26.30 -36.67
CA ARG B 493 -20.33 -27.12 -35.50
C ARG B 493 -21.55 -27.14 -34.60
N VAL B 494 -21.82 -28.30 -33.99
CA VAL B 494 -22.84 -28.31 -32.96
C VAL B 494 -22.41 -27.33 -31.88
N ALA B 495 -23.38 -26.60 -31.32
CA ALA B 495 -23.03 -25.58 -30.35
C ALA B 495 -22.50 -26.27 -29.09
N LYS B 496 -21.39 -25.77 -28.58
CA LYS B 496 -20.89 -26.32 -27.34
C LYS B 496 -21.64 -25.76 -26.16
N PHE B 497 -22.09 -24.50 -26.26
CA PHE B 497 -22.74 -23.90 -25.09
C PHE B 497 -23.30 -22.55 -25.50
N TYR B 498 -24.02 -21.90 -24.59
CA TYR B 498 -24.39 -20.50 -24.79
C TYR B 498 -23.32 -19.60 -24.23
N THR B 499 -22.90 -18.58 -25.00
CA THR B 499 -22.05 -17.54 -24.45
C THR B 499 -22.59 -16.15 -24.74
N LEU B 500 -22.02 -15.21 -24.00
CA LEU B 500 -22.38 -13.81 -24.05
C LEU B 500 -21.38 -13.06 -24.90
N PHE B 501 -21.89 -12.32 -25.89
CA PHE B 501 -21.07 -11.47 -26.76
C PHE B 501 -21.54 -10.03 -26.64
N GLY B 502 -20.62 -9.11 -26.92
CA GLY B 502 -20.95 -7.71 -26.96
C GLY B 502 -19.78 -6.92 -27.53
N ARG B 503 -20.03 -5.63 -27.75
CA ARG B 503 -18.96 -4.67 -28.04
C ARG B 503 -18.34 -4.21 -26.72
N SER B 504 -17.01 -4.08 -26.67
CA SER B 504 -16.41 -3.89 -25.35
C SER B 504 -15.13 -3.08 -25.44
N TYR B 505 -14.71 -2.57 -24.26
CA TYR B 505 -13.45 -1.88 -24.04
C TYR B 505 -12.34 -2.91 -23.84
O4' HFG C . 13.99 12.75 -0.90
C21 HFG C . 14.56 13.70 -0.40
C3' HFG C . 13.82 14.79 0.33
C2' HFG C . 12.44 14.37 0.87
N1' HFG C . 11.51 14.04 -0.22
C6' HFG C . 10.16 13.85 0.33
C5' HFG C . 10.10 12.73 1.36
C4' HFG C . 11.13 12.98 2.47
C39 HFG C . 12.49 13.21 1.85
O7' HFG C . 13.46 13.48 2.86
C1' HFG C . 16.08 13.87 -0.48
N3 HFG C . 16.63 13.28 -1.68
C4 HFG C . 16.31 13.85 -2.91
O11 HFG C . 15.67 14.89 -2.98
C10 HFG C . 16.81 13.11 -4.07
C5 HFG C . 16.58 13.58 -5.37
C2 HFG C . 17.36 12.12 -1.61
N1 HFG C . 17.80 11.43 -2.59
C9 HFG C . 17.51 11.92 -3.87
C8 HFG C . 17.96 11.18 -4.95
C7 HFG C . 17.73 11.65 -6.24
BR1 HFG C . 18.27 10.57 -7.69
C6 HFG C . 17.05 12.85 -6.44
CL1 HFG C . 16.86 13.50 -8.04
ZN ZN D . 34.98 24.29 13.74
CL CL E . 19.32 14.69 1.61
CL CL F . 16.97 3.33 1.59
C1 GOL G . -1.41 2.46 3.61
O1 GOL G . -1.64 2.87 2.29
C2 GOL G . -2.61 2.92 4.37
O2 GOL G . -3.61 3.38 3.45
C3 GOL G . -3.07 1.70 5.26
O3 GOL G . -4.51 1.86 5.48
O4' HFG H . -1.14 -10.05 -16.21
C21 HFG H . -1.71 -10.96 -16.77
C3' HFG H . -2.03 -12.26 -16.08
C2' HFG H . -2.21 -12.21 -14.56
N1' HFG H . -1.00 -11.82 -13.83
C6' HFG H . -1.18 -12.01 -12.40
C5' HFG H . -2.31 -11.17 -11.86
C4' HFG H . -3.60 -11.44 -12.63
C39 HFG H . -3.34 -11.28 -14.11
O7' HFG H . -4.51 -11.51 -14.90
C1' HFG H . -2.08 -10.88 -18.23
N3 HFG H . -1.23 -9.97 -18.98
C4 HFG H . 0.12 -10.28 -19.10
O11 HFG H . 0.57 -11.35 -18.69
C10 HFG H . 0.92 -9.24 -19.76
C5 HFG H . 2.29 -9.40 -19.90
C2 HFG H . -1.74 -8.80 -19.47
N1 HFG H . -1.08 -7.87 -20.05
C9 HFG H . 0.30 -8.07 -20.18
C8 HFG H . 1.07 -7.04 -20.73
C7 HFG H . 2.43 -7.20 -20.84
BR1 HFG H . 3.46 -5.76 -21.52
C6 HFG H . 3.04 -8.38 -20.45
CL1 HFG H . 4.76 -8.60 -20.62
ZN ZN I . -18.80 -21.63 -34.28
CL CL J . -6.17 -0.70 -16.97
C1 GOL K . -2.42 -2.99 1.16
O1 GOL K . -1.03 -3.16 0.93
C2 GOL K . -2.85 -4.01 2.26
O2 GOL K . -2.09 -3.85 3.38
C3 GOL K . -4.33 -3.71 2.58
O3 GOL K . -4.36 -3.01 3.81
C1 GOL L . -26.83 -9.93 -4.59
O1 GOL L . -28.02 -10.42 -5.04
C2 GOL L . -27.15 -8.65 -3.81
O2 GOL L . -26.44 -8.58 -2.64
C3 GOL L . -26.83 -7.48 -4.77
O3 GOL L . -26.43 -6.40 -3.96
#